data_4IFC
#
_entry.id   4IFC
#
_cell.length_a   52.320
_cell.length_b   52.260
_cell.length_c   78.980
_cell.angle_alpha   104.470
_cell.angle_beta   104.630
_cell.angle_gamma   93.010
#
_symmetry.space_group_name_H-M   'P 1'
#
loop_
_entity.id
_entity.type
_entity.pdbx_description
1 polymer 'Serine/threonine-protein kinase PRP4 homolog'
2 non-polymer "ADENOSINE-5'-DIPHOSPHATE"
3 non-polymer 'SULFATE ION'
4 water water
#
_entity_poly.entity_id   1
_entity_poly.type   'polypeptide(L)'
_entity_poly.pdbx_seq_one_letter_code
;MDFKENPNLRDNWTDAEGYYRVNIGEVLDKRYNVYGYTGQGVFSNVVRARDNARANQEVAVKIIRNNELMQKTGLKELEF
LKKLNDADPDDKFHCLRLFRHFYHKQHLCLVFEPLSMNLREVLKKYGKDVGLHIKAVRSYSQQLFLALKLLKRCNILHAD
IKPDNILVNESKTILKLCDFGSASHVADNDITP(PTR)LVSRFYRAPEIIIGKSYDYGIDMWSVGCTLYELYTGKILFPG
KTNNHMLKLAMDLKGKMPNKMIRKGVFKDQHFDQNLNFMYIEVDKVTEREKVTVMSTINPTKDLLADLIGCQRLPEDQRK
KVHQLKDLLDQILMLDPAKRISINQALQHAFIQEKIHHHHHH
;
_entity_poly.pdbx_strand_id   A,B
#
loop_
_chem_comp.id
_chem_comp.type
_chem_comp.name
_chem_comp.formula
ADP non-polymer ADENOSINE-5'-DIPHOSPHATE 'C10 H15 N5 O10 P2'
SO4 non-polymer 'SULFATE ION' 'O4 S -2'
#
# COMPACT_ATOMS: atom_id res chain seq x y z
N TRP A 13 -27.76 -8.86 -12.83
CA TRP A 13 -26.63 -8.35 -12.07
C TRP A 13 -26.89 -8.31 -10.55
N THR A 14 -28.13 -8.03 -10.14
CA THR A 14 -28.53 -7.96 -8.74
C THR A 14 -29.62 -9.00 -8.41
N ASP A 15 -29.43 -9.74 -7.29
CA ASP A 15 -30.35 -10.76 -6.79
C ASP A 15 -31.67 -10.19 -6.26
N ALA A 16 -32.65 -11.07 -5.96
CA ALA A 16 -33.95 -10.70 -5.40
C ALA A 16 -33.81 -10.10 -4.00
N GLU A 17 -32.86 -10.63 -3.20
CA GLU A 17 -32.55 -10.15 -1.85
C GLU A 17 -31.81 -8.80 -1.91
N GLY A 18 -31.00 -8.62 -2.94
CA GLY A 18 -30.24 -7.40 -3.19
C GLY A 18 -28.73 -7.58 -3.29
N TYR A 19 -28.25 -8.82 -3.47
CA TYR A 19 -26.82 -9.13 -3.58
C TYR A 19 -26.29 -9.00 -5.01
N TYR A 20 -25.05 -8.53 -5.15
CA TYR A 20 -24.37 -8.31 -6.43
C TYR A 20 -23.77 -9.58 -7.06
N ARG A 21 -23.49 -10.63 -6.24
CA ARG A 21 -22.89 -11.93 -6.62
C ARG A 21 -21.37 -11.89 -6.78
N VAL A 22 -20.86 -10.90 -7.56
CA VAL A 22 -19.44 -10.64 -7.89
C VAL A 22 -18.80 -11.67 -8.84
N ASN A 23 -17.82 -11.22 -9.64
CA ASN A 23 -17.06 -12.05 -10.56
C ASN A 23 -15.57 -11.90 -10.28
N ILE A 24 -14.83 -13.02 -10.23
CA ILE A 24 -13.39 -13.02 -9.98
C ILE A 24 -12.67 -12.58 -11.28
N GLY A 25 -11.92 -11.49 -11.17
CA GLY A 25 -11.20 -10.90 -12.30
C GLY A 25 -11.80 -9.60 -12.79
N GLU A 26 -13.02 -9.26 -12.30
CA GLU A 26 -13.76 -8.05 -12.64
C GLU A 26 -13.08 -6.81 -12.05
N VAL A 27 -13.04 -5.72 -12.84
CA VAL A 27 -12.43 -4.45 -12.44
C VAL A 27 -13.53 -3.47 -12.01
N LEU A 28 -13.46 -3.02 -10.74
CA LEU A 28 -14.42 -2.08 -10.17
C LEU A 28 -13.84 -0.66 -10.14
N ASP A 29 -14.65 0.33 -10.57
CA ASP A 29 -14.30 1.77 -10.66
C ASP A 29 -13.05 2.02 -11.54
N LYS A 30 -12.84 1.13 -12.55
CA LYS A 30 -11.72 1.12 -13.50
C LYS A 30 -10.32 1.03 -12.84
N ARG A 31 -10.26 0.51 -11.58
CA ARG A 31 -9.00 0.39 -10.84
C ARG A 31 -8.89 -0.85 -9.92
N TYR A 32 -10.00 -1.24 -9.27
CA TYR A 32 -10.00 -2.36 -8.32
C TYR A 32 -10.23 -3.74 -8.95
N ASN A 33 -9.14 -4.52 -9.10
CA ASN A 33 -9.18 -5.86 -9.68
C ASN A 33 -9.50 -6.89 -8.60
N VAL A 34 -10.74 -7.43 -8.61
CA VAL A 34 -11.22 -8.43 -7.66
C VAL A 34 -10.53 -9.79 -7.90
N TYR A 35 -9.89 -10.33 -6.85
CA TYR A 35 -9.18 -11.61 -6.90
C TYR A 35 -9.67 -12.59 -5.82
N GLY A 36 -10.04 -12.06 -4.65
CA GLY A 36 -10.52 -12.82 -3.51
C GLY A 36 -12.00 -12.65 -3.23
N TYR A 37 -12.56 -13.47 -2.33
CA TYR A 37 -13.98 -13.44 -2.00
C TYR A 37 -14.33 -13.07 -0.55
N THR A 38 -13.49 -13.48 0.43
CA THR A 38 -13.67 -13.23 1.88
C THR A 38 -14.96 -13.82 2.49
N GLY A 39 -16.12 -13.33 2.04
CA GLY A 39 -17.42 -13.78 2.51
C GLY A 39 -18.56 -12.86 2.13
N GLN A 40 -19.70 -13.46 1.70
CA GLN A 40 -20.90 -12.75 1.29
C GLN A 40 -22.17 -13.58 1.62
N GLY A 41 -23.07 -13.05 2.46
CA GLY A 41 -22.94 -11.75 3.11
C GLY A 41 -22.37 -11.83 4.51
N VAL A 42 -23.17 -11.56 5.56
CA VAL A 42 -24.59 -11.21 5.47
C VAL A 42 -24.78 -9.70 5.45
N PHE A 43 -25.70 -9.22 4.58
CA PHE A 43 -26.10 -7.82 4.35
C PHE A 43 -25.18 -6.97 3.43
N SER A 44 -24.04 -7.54 2.99
CA SER A 44 -23.07 -6.91 2.06
C SER A 44 -21.99 -7.91 1.62
N ASN A 45 -21.44 -7.72 0.41
CA ASN A 45 -20.37 -8.57 -0.12
C ASN A 45 -19.02 -7.88 0.05
N VAL A 46 -18.15 -8.44 0.91
CA VAL A 46 -16.82 -7.90 1.15
C VAL A 46 -15.81 -8.68 0.30
N VAL A 47 -15.21 -8.02 -0.70
CA VAL A 47 -14.25 -8.66 -1.61
C VAL A 47 -12.82 -8.14 -1.46
N ARG A 48 -11.82 -8.99 -1.78
CA ARG A 48 -10.41 -8.63 -1.76
C ARG A 48 -10.01 -8.19 -3.15
N ALA A 49 -9.50 -6.96 -3.26
CA ALA A 49 -9.09 -6.38 -4.55
C ALA A 49 -7.70 -5.75 -4.53
N ARG A 50 -7.14 -5.54 -5.73
CA ARG A 50 -5.85 -4.89 -5.93
C ARG A 50 -6.07 -3.61 -6.72
N ASP A 51 -5.68 -2.47 -6.14
CA ASP A 51 -5.85 -1.15 -6.75
C ASP A 51 -4.74 -0.88 -7.78
N ASN A 52 -5.07 -1.10 -9.07
CA ASN A 52 -4.17 -0.90 -10.21
C ASN A 52 -3.70 0.55 -10.36
N ALA A 53 -4.50 1.51 -9.87
CA ALA A 53 -4.18 2.94 -9.89
C ALA A 53 -3.17 3.31 -8.80
N ARG A 54 -3.02 2.45 -7.77
CA ARG A 54 -2.08 2.67 -6.65
C ARG A 54 -1.08 1.50 -6.49
N ALA A 55 -0.38 1.17 -7.60
CA ALA A 55 0.65 0.11 -7.71
C ALA A 55 0.22 -1.29 -7.20
N ASN A 56 -1.00 -1.71 -7.57
CA ASN A 56 -1.61 -3.00 -7.21
C ASN A 56 -1.70 -3.28 -5.69
N GLN A 57 -1.88 -2.21 -4.89
CA GLN A 57 -2.01 -2.32 -3.43
C GLN A 57 -3.29 -3.03 -3.01
N GLU A 58 -3.21 -3.82 -1.93
CA GLU A 58 -4.33 -4.59 -1.38
C GLU A 58 -5.38 -3.67 -0.77
N VAL A 59 -6.66 -3.93 -1.08
CA VAL A 59 -7.83 -3.19 -0.57
C VAL A 59 -9.01 -4.15 -0.37
N ALA A 60 -9.91 -3.80 0.56
CA ALA A 60 -11.13 -4.54 0.81
C ALA A 60 -12.31 -3.70 0.34
N VAL A 61 -13.16 -4.26 -0.53
CA VAL A 61 -14.31 -3.54 -1.06
C VAL A 61 -15.61 -4.14 -0.52
N LYS A 62 -16.35 -3.34 0.27
CA LYS A 62 -17.62 -3.73 0.85
C LYS A 62 -18.72 -3.27 -0.11
N ILE A 63 -19.37 -4.23 -0.78
CA ILE A 63 -20.44 -3.98 -1.74
C ILE A 63 -21.78 -4.08 -0.99
N ILE A 64 -22.36 -2.91 -0.65
CA ILE A 64 -23.62 -2.77 0.09
C ILE A 64 -24.80 -3.35 -0.69
N ARG A 65 -25.66 -4.13 0.01
CA ARG A 65 -26.88 -4.75 -0.53
C ARG A 65 -27.82 -3.68 -1.11
N ASN A 66 -28.57 -4.03 -2.17
CA ASN A 66 -29.48 -3.11 -2.86
C ASN A 66 -30.72 -2.69 -2.05
N ASN A 67 -31.93 -3.15 -2.43
CA ASN A 67 -33.23 -2.84 -1.81
C ASN A 67 -33.42 -1.35 -1.40
N GLU A 68 -34.04 -1.07 -0.23
CA GLU A 68 -34.28 0.29 0.25
C GLU A 68 -33.61 0.56 1.60
N LEU A 69 -33.83 -0.32 2.59
CA LEU A 69 -33.29 -0.19 3.96
C LEU A 69 -31.78 -0.41 4.08
N MET A 70 -31.20 -1.30 3.24
CA MET A 70 -29.78 -1.62 3.25
C MET A 70 -28.89 -0.48 2.74
N GLN A 71 -29.36 0.26 1.71
CA GLN A 71 -28.65 1.41 1.14
C GLN A 71 -28.65 2.59 2.12
N LYS A 72 -29.70 2.68 2.97
CA LYS A 72 -29.85 3.71 4.01
C LYS A 72 -28.78 3.51 5.09
N THR A 73 -28.55 2.25 5.50
CA THR A 73 -27.54 1.87 6.50
C THR A 73 -26.13 2.02 5.95
N GLY A 74 -25.97 1.81 4.64
CA GLY A 74 -24.71 1.93 3.91
C GLY A 74 -24.17 3.35 3.91
N LEU A 75 -25.06 4.33 3.63
CA LEU A 75 -24.73 5.77 3.63
C LEU A 75 -24.48 6.24 5.06
N LYS A 76 -25.19 5.63 6.03
CA LYS A 76 -25.07 5.87 7.47
C LYS A 76 -23.70 5.37 7.94
N GLU A 77 -23.25 4.22 7.39
CA GLU A 77 -21.94 3.61 7.67
C GLU A 77 -20.83 4.50 7.09
N LEU A 78 -21.08 5.06 5.88
CA LEU A 78 -20.16 5.96 5.17
C LEU A 78 -19.89 7.24 5.96
N GLU A 79 -20.96 7.91 6.45
CA GLU A 79 -20.84 9.15 7.22
C GLU A 79 -20.18 8.98 8.60
N PHE A 80 -20.45 7.84 9.29
CA PHE A 80 -19.87 7.55 10.60
C PHE A 80 -18.38 7.24 10.53
N LEU A 81 -17.96 6.49 9.49
CA LEU A 81 -16.55 6.15 9.28
C LEU A 81 -15.72 7.37 8.87
N LYS A 82 -16.34 8.30 8.11
CA LYS A 82 -15.70 9.56 7.68
C LYS A 82 -15.44 10.45 8.90
N LYS A 83 -16.41 10.51 9.85
CA LYS A 83 -16.34 11.27 11.10
C LYS A 83 -15.21 10.77 12.01
N LEU A 84 -15.11 9.44 12.20
CA LEU A 84 -14.10 8.79 13.03
C LEU A 84 -12.69 8.92 12.45
N ASN A 85 -12.56 8.83 11.11
CA ASN A 85 -11.28 8.96 10.40
C ASN A 85 -10.74 10.38 10.48
N ASP A 86 -11.62 11.39 10.35
CA ASP A 86 -11.25 12.80 10.44
C ASP A 86 -10.86 13.20 11.87
N ALA A 87 -11.52 12.59 12.87
CA ALA A 87 -11.24 12.84 14.29
C ALA A 87 -9.93 12.21 14.75
N ASP A 88 -9.47 11.16 14.02
CA ASP A 88 -8.23 10.44 14.29
C ASP A 88 -7.30 10.53 13.05
N PRO A 89 -6.59 11.66 12.83
CA PRO A 89 -5.75 11.78 11.63
C PRO A 89 -4.51 10.89 11.61
N ASP A 90 -3.93 10.61 12.80
CA ASP A 90 -2.72 9.80 12.94
C ASP A 90 -2.96 8.28 13.12
N ASP A 91 -4.25 7.86 13.16
CA ASP A 91 -4.70 6.47 13.32
C ASP A 91 -4.12 5.78 14.57
N LYS A 92 -4.54 6.28 15.75
CA LYS A 92 -4.09 5.76 17.04
C LYS A 92 -5.25 5.23 17.89
N PHE A 93 -6.50 5.50 17.47
CA PHE A 93 -7.70 5.08 18.18
C PHE A 93 -8.41 3.85 17.60
N HIS A 94 -7.61 2.92 17.04
CA HIS A 94 -7.95 1.62 16.47
C HIS A 94 -9.32 1.39 15.81
N CYS A 95 -9.71 2.30 14.91
CA CYS A 95 -10.95 2.20 14.15
C CYS A 95 -10.65 1.97 12.66
N LEU A 96 -11.53 1.23 11.97
CA LEU A 96 -11.39 0.89 10.55
C LEU A 96 -11.21 2.14 9.67
N ARG A 97 -10.23 2.11 8.76
CA ARG A 97 -9.94 3.22 7.87
C ARG A 97 -10.64 3.07 6.52
N LEU A 98 -11.60 3.97 6.24
CA LEU A 98 -12.32 4.02 4.97
C LEU A 98 -11.47 4.89 4.03
N PHE A 99 -11.06 4.33 2.90
CA PHE A 99 -10.24 5.04 1.93
C PHE A 99 -11.09 6.00 1.11
N ARG A 100 -12.12 5.45 0.41
CA ARG A 100 -13.06 6.20 -0.43
C ARG A 100 -14.30 5.36 -0.75
N HIS A 101 -15.23 5.91 -1.55
CA HIS A 101 -16.45 5.22 -1.96
C HIS A 101 -16.78 5.47 -3.43
N PHE A 102 -17.48 4.50 -4.04
CA PHE A 102 -17.94 4.56 -5.43
C PHE A 102 -19.21 3.74 -5.62
N TYR A 103 -19.85 3.86 -6.79
CA TYR A 103 -21.05 3.11 -7.12
C TYR A 103 -20.76 2.14 -8.24
N HIS A 104 -21.28 0.92 -8.12
CA HIS A 104 -21.08 -0.11 -9.14
C HIS A 104 -22.34 -0.95 -9.32
N LYS A 105 -22.96 -0.82 -10.51
CA LYS A 105 -24.18 -1.53 -10.92
C LYS A 105 -25.30 -1.44 -9.87
N GLN A 106 -25.62 -0.19 -9.43
CA GLN A 106 -26.63 0.21 -8.43
C GLN A 106 -26.16 0.15 -6.97
N HIS A 107 -25.15 -0.67 -6.67
CA HIS A 107 -24.63 -0.86 -5.31
C HIS A 107 -23.62 0.17 -4.87
N LEU A 108 -23.69 0.57 -3.59
CA LEU A 108 -22.73 1.47 -2.98
C LEU A 108 -21.53 0.62 -2.55
N CYS A 109 -20.33 1.01 -2.95
CA CYS A 109 -19.10 0.27 -2.64
C CYS A 109 -18.18 1.08 -1.76
N LEU A 110 -17.79 0.50 -0.61
CA LEU A 110 -16.91 1.16 0.35
C LEU A 110 -15.51 0.54 0.28
N VAL A 111 -14.49 1.37 0.01
CA VAL A 111 -13.09 0.94 -0.10
C VAL A 111 -12.45 1.07 1.29
N PHE A 112 -11.99 -0.06 1.84
CA PHE A 112 -11.37 -0.13 3.16
C PHE A 112 -9.92 -0.60 3.11
N GLU A 113 -9.20 -0.36 4.21
CA GLU A 113 -7.82 -0.80 4.40
C GLU A 113 -7.78 -2.35 4.44
N PRO A 114 -6.73 -3.02 3.93
CA PRO A 114 -6.71 -4.49 3.98
C PRO A 114 -6.39 -5.02 5.37
N LEU A 115 -7.21 -5.98 5.84
CA LEU A 115 -7.03 -6.64 7.14
C LEU A 115 -7.10 -8.15 6.96
N SER A 116 -6.32 -8.90 7.76
CA SER A 116 -6.22 -10.35 7.64
C SER A 116 -7.50 -11.14 7.93
N MET A 117 -7.99 -11.11 9.19
CA MET A 117 -9.17 -11.85 9.64
C MET A 117 -9.78 -11.25 10.92
N ASN A 118 -11.02 -11.63 11.24
CA ASN A 118 -11.69 -11.16 12.46
C ASN A 118 -11.27 -11.98 13.68
N LEU A 119 -11.58 -11.49 14.91
CA LEU A 119 -11.23 -12.18 16.16
C LEU A 119 -11.93 -13.53 16.38
N ARG A 120 -13.11 -13.74 15.75
CA ARG A 120 -13.84 -15.00 15.82
C ARG A 120 -13.05 -16.07 15.02
N GLU A 121 -12.43 -15.64 13.90
CA GLU A 121 -11.61 -16.49 13.04
C GLU A 121 -10.29 -16.87 13.71
N VAL A 122 -9.64 -15.93 14.44
CA VAL A 122 -8.38 -16.21 15.16
C VAL A 122 -8.62 -17.19 16.32
N LEU A 123 -9.76 -17.05 17.02
CA LEU A 123 -10.18 -17.90 18.14
C LEU A 123 -10.36 -19.36 17.72
N LYS A 124 -10.90 -19.58 16.51
CA LYS A 124 -11.09 -20.91 15.92
C LYS A 124 -9.74 -21.54 15.61
N LYS A 125 -8.77 -20.71 15.16
CA LYS A 125 -7.39 -21.11 14.85
C LYS A 125 -6.59 -21.40 16.12
N TYR A 126 -7.02 -20.87 17.29
CA TYR A 126 -6.37 -21.11 18.58
C TYR A 126 -6.83 -22.43 19.23
N GLY A 127 -8.03 -22.88 18.87
CA GLY A 127 -8.59 -24.14 19.36
C GLY A 127 -9.89 -24.04 20.10
N LYS A 128 -10.46 -25.22 20.45
CA LYS A 128 -11.71 -25.35 21.20
C LYS A 128 -11.47 -24.97 22.66
N ASP A 129 -12.10 -23.86 23.11
CA ASP A 129 -12.02 -23.32 24.47
C ASP A 129 -10.59 -23.05 24.96
N VAL A 130 -9.69 -22.66 24.04
CA VAL A 130 -8.28 -22.38 24.32
C VAL A 130 -8.08 -20.90 24.68
N GLY A 131 -8.48 -20.01 23.77
CA GLY A 131 -8.34 -18.57 23.94
C GLY A 131 -6.95 -18.06 23.63
N LEU A 132 -6.80 -16.74 23.57
CA LEU A 132 -5.53 -16.05 23.29
C LEU A 132 -4.66 -15.98 24.55
N HIS A 133 -3.35 -15.75 24.36
CA HIS A 133 -2.39 -15.60 25.46
C HIS A 133 -2.70 -14.29 26.21
N ILE A 134 -2.48 -14.27 27.55
CA ILE A 134 -2.76 -13.09 28.39
C ILE A 134 -2.10 -11.78 27.90
N LYS A 135 -0.90 -11.88 27.30
CA LYS A 135 -0.17 -10.74 26.74
C LYS A 135 -0.91 -10.17 25.52
N ALA A 136 -1.53 -11.05 24.70
CA ALA A 136 -2.30 -10.65 23.52
C ALA A 136 -3.61 -9.98 23.94
N VAL A 137 -4.31 -10.58 24.94
CA VAL A 137 -5.57 -10.07 25.51
C VAL A 137 -5.35 -8.67 26.11
N ARG A 138 -4.19 -8.47 26.81
CA ARG A 138 -3.77 -7.20 27.40
C ARG A 138 -3.63 -6.13 26.32
N SER A 139 -2.92 -6.46 25.23
CA SER A 139 -2.69 -5.56 24.09
C SER A 139 -4.01 -5.27 23.37
N TYR A 140 -4.86 -6.31 23.21
CA TYR A 140 -6.16 -6.19 22.54
C TYR A 140 -7.16 -5.33 23.31
N SER A 141 -7.16 -5.44 24.67
CA SER A 141 -8.05 -4.66 25.54
C SER A 141 -7.75 -3.17 25.45
N GLN A 142 -6.45 -2.78 25.53
CA GLN A 142 -5.98 -1.39 25.43
C GLN A 142 -6.44 -0.75 24.13
N GLN A 143 -6.30 -1.48 23.00
CA GLN A 143 -6.71 -1.02 21.67
C GLN A 143 -8.22 -0.90 21.55
N LEU A 144 -8.97 -1.82 22.22
CA LEU A 144 -10.44 -1.80 22.24
C LEU A 144 -10.94 -0.62 23.07
N PHE A 145 -10.26 -0.31 24.20
CA PHE A 145 -10.60 0.85 25.03
C PHE A 145 -10.28 2.16 24.31
N LEU A 146 -9.20 2.17 23.47
CA LEU A 146 -8.83 3.33 22.66
C LEU A 146 -9.88 3.58 21.57
N ALA A 147 -10.50 2.50 21.05
CA ALA A 147 -11.57 2.58 20.06
C ALA A 147 -12.83 3.17 20.70
N LEU A 148 -13.10 2.83 21.98
CA LEU A 148 -14.23 3.34 22.76
C LEU A 148 -14.05 4.83 23.04
N LYS A 149 -12.78 5.27 23.26
CA LYS A 149 -12.40 6.66 23.53
C LYS A 149 -12.79 7.55 22.35
N LEU A 150 -12.44 7.14 21.10
CA LEU A 150 -12.78 7.86 19.87
C LEU A 150 -14.28 7.84 19.62
N LEU A 151 -14.93 6.70 19.92
CA LEU A 151 -16.38 6.51 19.82
C LEU A 151 -17.10 7.48 20.75
N LYS A 152 -16.55 7.73 21.96
CA LYS A 152 -17.08 8.67 22.94
C LYS A 152 -16.69 10.12 22.60
N ARG A 153 -15.50 10.34 21.98
CA ARG A 153 -15.02 11.66 21.55
C ARG A 153 -16.00 12.22 20.50
N CYS A 154 -16.44 11.33 19.58
CA CYS A 154 -17.47 11.61 18.58
C CYS A 154 -18.78 11.23 19.27
N ASN A 155 -19.94 11.50 18.68
CA ASN A 155 -21.18 11.12 19.36
C ASN A 155 -21.78 9.87 18.72
N ILE A 156 -20.97 8.79 18.65
CA ILE A 156 -21.30 7.52 17.99
C ILE A 156 -21.33 6.33 18.97
N LEU A 157 -22.26 5.40 18.73
CA LEU A 157 -22.45 4.15 19.45
C LEU A 157 -22.31 3.05 18.41
N HIS A 158 -21.29 2.16 18.56
CA HIS A 158 -21.06 1.07 17.60
C HIS A 158 -22.26 0.12 17.56
N ALA A 159 -22.77 -0.25 18.76
CA ALA A 159 -23.93 -1.11 18.99
C ALA A 159 -23.84 -2.54 18.41
N ASP A 160 -22.61 -3.07 18.22
CA ASP A 160 -22.36 -4.43 17.73
C ASP A 160 -20.91 -4.91 17.95
N ILE A 161 -20.33 -4.54 19.10
CA ILE A 161 -18.96 -4.94 19.44
C ILE A 161 -18.92 -6.42 19.84
N LYS A 162 -18.31 -7.23 18.97
CA LYS A 162 -18.17 -8.67 19.12
C LYS A 162 -16.90 -9.16 18.38
N PRO A 163 -16.33 -10.36 18.69
CA PRO A 163 -15.11 -10.81 17.97
C PRO A 163 -15.23 -10.83 16.45
N ASP A 164 -16.45 -11.03 15.92
CA ASP A 164 -16.76 -11.05 14.49
C ASP A 164 -16.56 -9.68 13.83
N ASN A 165 -16.77 -8.58 14.59
CA ASN A 165 -16.65 -7.21 14.10
C ASN A 165 -15.33 -6.50 14.45
N ILE A 166 -14.34 -7.27 14.94
CA ILE A 166 -13.01 -6.76 15.27
C ILE A 166 -12.02 -7.48 14.35
N LEU A 167 -11.42 -6.74 13.40
CA LEU A 167 -10.46 -7.28 12.43
C LEU A 167 -9.03 -7.07 12.91
N VAL A 168 -8.14 -7.98 12.55
CA VAL A 168 -6.74 -7.93 12.95
C VAL A 168 -5.80 -7.91 11.72
N ASN A 169 -4.60 -7.32 11.86
CA ASN A 169 -3.64 -7.28 10.75
C ASN A 169 -2.95 -8.65 10.57
N GLU A 170 -2.14 -8.80 9.50
CA GLU A 170 -1.43 -10.04 9.16
C GLU A 170 -0.55 -10.62 10.27
N SER A 171 0.15 -9.74 11.03
CA SER A 171 1.01 -10.14 12.14
C SER A 171 0.22 -10.30 13.47
N LYS A 172 -1.08 -9.94 13.44
CA LYS A 172 -2.04 -10.01 14.56
C LYS A 172 -1.68 -9.11 15.76
N THR A 173 -0.87 -8.06 15.53
CA THR A 173 -0.43 -7.12 16.56
C THR A 173 -1.37 -5.93 16.71
N ILE A 174 -2.01 -5.51 15.61
CA ILE A 174 -2.93 -4.36 15.59
C ILE A 174 -4.35 -4.80 15.22
N LEU A 175 -5.35 -4.38 16.01
CA LEU A 175 -6.74 -4.63 15.69
C LEU A 175 -7.49 -3.37 15.29
N LYS A 176 -8.61 -3.54 14.58
CA LYS A 176 -9.45 -2.46 14.12
C LYS A 176 -10.91 -2.80 14.35
N LEU A 177 -11.67 -1.85 14.92
CA LEU A 177 -13.11 -2.03 15.13
C LEU A 177 -13.76 -1.76 13.77
N CYS A 178 -14.53 -2.76 13.27
CA CYS A 178 -15.18 -2.69 11.97
CA CYS A 178 -15.19 -2.69 11.97
C CYS A 178 -16.71 -2.85 12.08
N ASP A 179 -17.42 -2.81 10.93
CA ASP A 179 -18.86 -2.97 10.77
C ASP A 179 -19.68 -1.93 11.55
N PHE A 180 -19.83 -0.74 10.94
CA PHE A 180 -20.58 0.38 11.51
C PHE A 180 -21.99 0.48 10.89
N GLY A 181 -22.49 -0.66 10.41
CA GLY A 181 -23.81 -0.80 9.80
C GLY A 181 -24.96 -0.68 10.78
N SER A 182 -24.72 -1.00 12.06
CA SER A 182 -25.72 -0.91 13.12
C SER A 182 -25.43 0.24 14.10
N ALA A 183 -24.43 1.10 13.75
CA ALA A 183 -24.02 2.25 14.55
C ALA A 183 -25.09 3.35 14.58
N SER A 184 -25.17 4.09 15.70
CA SER A 184 -26.16 5.15 15.88
C SER A 184 -25.63 6.30 16.74
N HIS A 185 -26.26 7.49 16.59
CA HIS A 185 -25.92 8.69 17.35
C HIS A 185 -26.56 8.60 18.74
N VAL A 186 -25.92 9.20 19.76
CA VAL A 186 -26.39 9.20 21.16
C VAL A 186 -27.74 9.89 21.38
N ALA A 187 -27.98 11.01 20.69
CA ALA A 187 -29.22 11.80 20.78
C ALA A 187 -30.44 11.06 20.25
N ASP A 188 -30.22 10.09 19.33
CA ASP A 188 -31.28 9.29 18.71
C ASP A 188 -31.88 8.28 19.68
N ASN A 189 -31.04 7.42 20.29
CA ASN A 189 -31.37 6.35 21.26
C ASN A 189 -32.81 5.79 21.20
N ASP A 190 -33.06 4.93 20.19
CA ASP A 190 -34.36 4.32 19.94
C ASP A 190 -34.71 3.27 21.00
N ILE A 191 -35.98 3.27 21.44
CA ILE A 191 -36.50 2.34 22.45
C ILE A 191 -36.74 0.95 21.85
N THR A 192 -35.68 0.12 21.86
CA THR A 192 -35.71 -1.26 21.33
C THR A 192 -34.90 -2.26 22.17
N PRO A 193 -35.49 -3.42 22.55
CA PRO A 193 -34.73 -4.39 23.36
C PRO A 193 -33.88 -5.36 22.54
N PTR A 194 -33.86 -5.22 21.20
CA PTR A 194 -33.10 -6.10 20.31
C PTR A 194 -31.82 -5.43 19.76
O PTR A 194 -31.21 -5.97 18.84
CB PTR A 194 -34.01 -6.73 19.25
CG PTR A 194 -35.20 -7.43 19.88
CD1 PTR A 194 -35.02 -8.46 20.81
CD2 PTR A 194 -36.51 -7.05 19.52
CE1 PTR A 194 -36.13 -9.10 21.39
CE2 PTR A 194 -37.62 -7.69 20.09
CZ PTR A 194 -37.45 -8.73 21.06
OH PTR A 194 -38.47 -9.45 21.68
P PTR A 194 -39.86 -8.78 21.85
O1P PTR A 194 -40.70 -9.63 22.79
O2P PTR A 194 -39.75 -7.37 22.43
O3P PTR A 194 -40.59 -8.72 20.50
N LEU A 195 -31.43 -4.29 20.35
CA LEU A 195 -30.22 -3.55 20.00
C LEU A 195 -29.00 -4.32 20.53
N VAL A 196 -27.93 -4.47 19.70
CA VAL A 196 -26.69 -5.22 19.98
C VAL A 196 -26.93 -6.74 19.85
N SER A 197 -25.96 -7.50 19.29
CA SER A 197 -26.03 -8.97 19.17
C SER A 197 -26.25 -9.54 20.58
N ARG A 198 -27.33 -10.35 20.73
CA ARG A 198 -27.82 -10.95 21.97
C ARG A 198 -26.81 -11.27 23.08
N PHE A 199 -25.73 -12.01 22.76
CA PHE A 199 -24.72 -12.41 23.74
C PHE A 199 -23.89 -11.25 24.33
N TYR A 200 -23.79 -10.15 23.58
CA TYR A 200 -23.01 -8.96 23.94
C TYR A 200 -23.91 -7.77 24.30
N ARG A 201 -25.22 -8.05 24.48
CA ARG A 201 -26.27 -7.08 24.80
C ARG A 201 -26.26 -6.70 26.29
N ALA A 202 -26.17 -5.37 26.56
CA ALA A 202 -26.15 -4.79 27.91
C ALA A 202 -27.50 -4.94 28.63
N PRO A 203 -27.53 -5.09 29.99
CA PRO A 203 -28.81 -5.25 30.70
C PRO A 203 -29.77 -4.06 30.59
N GLU A 204 -29.25 -2.83 30.39
CA GLU A 204 -30.07 -1.62 30.25
C GLU A 204 -30.88 -1.60 28.94
N ILE A 205 -30.41 -2.30 27.90
CA ILE A 205 -31.07 -2.45 26.60
C ILE A 205 -32.32 -3.32 26.79
N ILE A 206 -32.16 -4.48 27.46
CA ILE A 206 -33.20 -5.47 27.74
C ILE A 206 -34.32 -4.89 28.62
N ILE A 207 -33.95 -4.23 29.74
CA ILE A 207 -34.90 -3.62 30.69
C ILE A 207 -35.62 -2.37 30.13
N GLY A 208 -34.97 -1.68 29.18
CA GLY A 208 -35.53 -0.50 28.54
C GLY A 208 -35.09 0.82 29.16
N LYS A 209 -34.00 0.78 29.96
CA LYS A 209 -33.42 1.94 30.64
C LYS A 209 -32.67 2.81 29.60
N SER A 210 -32.49 4.12 29.89
CA SER A 210 -31.76 5.05 29.02
C SER A 210 -30.31 4.58 28.90
N TYR A 211 -29.83 4.43 27.65
CA TYR A 211 -28.49 3.93 27.36
C TYR A 211 -27.59 4.93 26.64
N ASP A 212 -26.27 4.81 26.87
CA ASP A 212 -25.25 5.66 26.26
C ASP A 212 -24.02 4.81 25.82
N TYR A 213 -22.79 5.33 26.01
CA TYR A 213 -21.53 4.66 25.66
C TYR A 213 -21.25 3.39 26.48
N GLY A 214 -21.96 3.24 27.59
CA GLY A 214 -21.86 2.09 28.50
C GLY A 214 -22.16 0.74 27.87
N ILE A 215 -23.05 0.71 26.86
CA ILE A 215 -23.43 -0.51 26.13
C ILE A 215 -22.25 -1.08 25.35
N ASP A 216 -21.43 -0.19 24.77
CA ASP A 216 -20.23 -0.55 24.03
C ASP A 216 -19.15 -1.04 24.99
N MET A 217 -19.10 -0.45 26.21
CA MET A 217 -18.16 -0.87 27.26
C MET A 217 -18.51 -2.30 27.72
N TRP A 218 -19.82 -2.58 27.95
CA TRP A 218 -20.34 -3.90 28.34
C TRP A 218 -19.95 -4.96 27.31
N SER A 219 -20.15 -4.65 26.01
CA SER A 219 -19.83 -5.53 24.87
C SER A 219 -18.34 -5.87 24.85
N VAL A 220 -17.47 -4.87 25.11
CA VAL A 220 -16.01 -5.03 25.18
C VAL A 220 -15.65 -6.04 26.28
N GLY A 221 -16.28 -5.91 27.45
CA GLY A 221 -16.11 -6.82 28.57
C GLY A 221 -16.48 -8.25 28.23
N CYS A 222 -17.61 -8.43 27.50
CA CYS A 222 -18.08 -9.73 27.02
C CYS A 222 -17.06 -10.34 26.06
N THR A 223 -16.45 -9.51 25.16
CA THR A 223 -15.45 -9.94 24.20
C THR A 223 -14.13 -10.32 24.88
N LEU A 224 -13.68 -9.52 25.88
CA LEU A 224 -12.43 -9.76 26.63
C LEU A 224 -12.40 -11.10 27.35
N TYR A 225 -13.55 -11.55 27.91
CA TYR A 225 -13.68 -12.84 28.57
C TYR A 225 -13.55 -13.94 27.50
N GLU A 226 -14.23 -13.75 26.35
CA GLU A 226 -14.25 -14.67 25.21
C GLU A 226 -12.88 -14.78 24.56
N LEU A 227 -12.12 -13.67 24.54
CA LEU A 227 -10.77 -13.60 23.97
C LEU A 227 -9.78 -14.47 24.76
N TYR A 228 -9.94 -14.55 26.10
CA TYR A 228 -9.06 -15.34 26.96
C TYR A 228 -9.52 -16.79 27.17
N THR A 229 -10.84 -17.02 27.30
CA THR A 229 -11.39 -18.35 27.55
C THR A 229 -11.73 -19.13 26.27
N GLY A 230 -12.07 -18.41 25.20
CA GLY A 230 -12.50 -19.01 23.94
C GLY A 230 -13.96 -19.38 23.97
N LYS A 231 -14.66 -19.04 25.07
CA LYS A 231 -16.08 -19.32 25.32
C LYS A 231 -16.87 -18.03 25.46
N ILE A 232 -18.16 -18.07 25.04
CA ILE A 232 -19.09 -16.95 25.15
C ILE A 232 -19.44 -16.77 26.65
N LEU A 233 -19.37 -15.51 27.16
CA LEU A 233 -19.65 -15.16 28.56
C LEU A 233 -21.08 -15.55 28.94
N PHE A 234 -22.08 -14.93 28.29
CA PHE A 234 -23.48 -15.20 28.55
C PHE A 234 -24.16 -15.75 27.28
N PRO A 235 -24.17 -17.09 27.08
CA PRO A 235 -24.81 -17.63 25.88
C PRO A 235 -26.32 -17.86 26.07
N GLY A 236 -27.04 -16.76 26.30
CA GLY A 236 -28.48 -16.76 26.52
C GLY A 236 -29.29 -17.00 25.27
N LYS A 237 -30.33 -17.85 25.40
CA LYS A 237 -31.24 -18.21 24.31
C LYS A 237 -32.19 -17.05 23.98
N THR A 238 -32.65 -16.32 25.02
CA THR A 238 -33.56 -15.17 24.90
C THR A 238 -33.09 -13.99 25.76
N ASN A 239 -33.82 -12.85 25.69
CA ASN A 239 -33.54 -11.65 26.47
C ASN A 239 -33.68 -11.89 27.97
N ASN A 240 -34.67 -12.73 28.38
CA ASN A 240 -34.92 -13.10 29.76
C ASN A 240 -33.81 -13.99 30.31
N HIS A 241 -33.27 -14.91 29.48
CA HIS A 241 -32.17 -15.81 29.85
C HIS A 241 -30.87 -15.02 29.98
N MET A 242 -30.71 -13.93 29.20
CA MET A 242 -29.55 -13.04 29.23
C MET A 242 -29.45 -12.33 30.58
N LEU A 243 -30.59 -11.90 31.14
CA LEU A 243 -30.65 -11.22 32.44
C LEU A 243 -30.30 -12.18 33.58
N LYS A 244 -30.80 -13.43 33.51
CA LYS A 244 -30.54 -14.49 34.49
C LYS A 244 -29.04 -14.78 34.59
N LEU A 245 -28.36 -14.95 33.43
CA LEU A 245 -26.92 -15.21 33.34
C LEU A 245 -26.10 -14.03 33.86
N ALA A 246 -26.56 -12.79 33.58
CA ALA A 246 -25.91 -11.55 34.04
C ALA A 246 -26.04 -11.42 35.56
N MET A 247 -27.19 -11.82 36.12
CA MET A 247 -27.48 -11.79 37.56
C MET A 247 -26.83 -12.95 38.30
N ASP A 248 -26.44 -14.03 37.60
CA ASP A 248 -25.77 -15.20 38.19
C ASP A 248 -24.34 -14.89 38.65
N LEU A 249 -23.79 -13.74 38.20
CA LEU A 249 -22.45 -13.26 38.52
C LEU A 249 -22.48 -12.03 39.44
N LYS A 250 -23.44 -11.11 39.23
CA LYS A 250 -23.56 -9.85 39.98
C LYS A 250 -24.69 -9.78 41.02
N GLY A 251 -25.52 -10.81 41.07
CA GLY A 251 -26.67 -10.84 41.98
C GLY A 251 -27.87 -10.15 41.36
N LYS A 252 -28.97 -10.00 42.13
CA LYS A 252 -30.19 -9.34 41.65
C LYS A 252 -29.95 -7.89 41.25
N MET A 253 -30.59 -7.45 40.15
CA MET A 253 -30.51 -6.09 39.60
C MET A 253 -31.03 -5.08 40.65
N PRO A 254 -30.35 -3.93 40.89
CA PRO A 254 -30.83 -2.97 41.90
C PRO A 254 -32.22 -2.40 41.57
N ASN A 255 -33.06 -2.24 42.61
CA ASN A 255 -34.44 -1.74 42.53
C ASN A 255 -34.60 -0.40 41.81
N LYS A 256 -33.63 0.51 41.98
CA LYS A 256 -33.61 1.83 41.34
C LYS A 256 -33.41 1.73 39.83
N MET A 257 -32.67 0.70 39.36
CA MET A 257 -32.38 0.47 37.95
C MET A 257 -33.59 -0.12 37.20
N ILE A 258 -34.28 -1.11 37.82
CA ILE A 258 -35.46 -1.78 37.25
C ILE A 258 -36.59 -0.79 36.97
N ARG A 259 -36.90 0.11 37.94
CA ARG A 259 -37.94 1.13 37.86
C ARG A 259 -37.75 2.11 36.70
N LYS A 260 -36.48 2.43 36.35
CA LYS A 260 -36.14 3.36 35.26
C LYS A 260 -36.42 2.80 33.87
N GLY A 261 -36.45 1.47 33.73
CA GLY A 261 -36.70 0.78 32.47
C GLY A 261 -38.11 0.90 31.94
N VAL A 262 -38.32 0.40 30.71
CA VAL A 262 -39.61 0.41 30.01
C VAL A 262 -40.21 -1.00 29.98
N PHE A 263 -39.38 -2.02 29.69
CA PHE A 263 -39.77 -3.44 29.62
C PHE A 263 -39.55 -4.15 30.97
N LYS A 264 -39.97 -3.49 32.08
CA LYS A 264 -39.84 -3.98 33.46
C LYS A 264 -40.73 -5.21 33.69
N ASP A 265 -42.04 -5.08 33.33
CA ASP A 265 -43.08 -6.10 33.48
C ASP A 265 -42.82 -7.43 32.74
N GLN A 266 -42.03 -7.39 31.66
CA GLN A 266 -41.67 -8.56 30.86
C GLN A 266 -40.73 -9.54 31.60
N HIS A 267 -39.94 -9.04 32.56
CA HIS A 267 -38.96 -9.83 33.31
C HIS A 267 -39.13 -9.77 34.83
N PHE A 268 -39.69 -8.66 35.36
CA PHE A 268 -39.90 -8.46 36.80
C PHE A 268 -41.36 -8.16 37.14
N ASP A 269 -41.86 -8.72 38.25
CA ASP A 269 -43.23 -8.51 38.72
C ASP A 269 -43.38 -7.22 39.56
N GLN A 270 -44.56 -6.98 40.17
CA GLN A 270 -44.85 -5.79 40.99
C GLN A 270 -44.03 -5.73 42.27
N ASN A 271 -43.64 -6.89 42.83
CA ASN A 271 -42.80 -6.99 44.02
C ASN A 271 -41.30 -6.92 43.69
N LEU A 272 -40.97 -6.59 42.42
CA LEU A 272 -39.63 -6.46 41.84
C LEU A 272 -38.81 -7.77 41.89
N ASN A 273 -39.49 -8.91 41.70
CA ASN A 273 -38.90 -10.24 41.68
C ASN A 273 -38.78 -10.73 40.24
N PHE A 274 -37.62 -11.32 39.90
CA PHE A 274 -37.34 -11.83 38.55
C PHE A 274 -38.15 -13.08 38.20
N MET A 275 -38.75 -13.07 37.00
CA MET A 275 -39.55 -14.17 36.47
C MET A 275 -38.75 -14.92 35.40
N TYR A 276 -38.11 -16.04 35.78
CA TYR A 276 -37.30 -16.86 34.90
C TYR A 276 -38.16 -17.84 34.09
N ILE A 277 -38.06 -17.76 32.75
CA ILE A 277 -38.82 -18.60 31.82
C ILE A 277 -38.01 -19.84 31.40
N GLU A 278 -38.59 -21.03 31.57
CA GLU A 278 -37.97 -22.32 31.23
C GLU A 278 -38.84 -23.10 30.25
N ARG A 285 -46.11 -25.39 27.55
CA ARG A 285 -44.73 -25.61 27.98
C ARG A 285 -44.01 -24.30 28.38
N GLU A 286 -44.80 -23.20 28.54
CA GLU A 286 -44.35 -21.84 28.89
C GLU A 286 -43.36 -21.80 30.08
N LYS A 287 -43.82 -22.25 31.28
CA LYS A 287 -43.07 -22.34 32.54
C LYS A 287 -42.45 -21.03 33.05
N VAL A 288 -42.94 -20.53 34.20
CA VAL A 288 -42.45 -19.29 34.84
C VAL A 288 -42.12 -19.58 36.33
N THR A 289 -40.86 -19.33 36.74
CA THR A 289 -40.39 -19.51 38.12
C THR A 289 -39.98 -18.16 38.71
N VAL A 290 -40.67 -17.71 39.77
CA VAL A 290 -40.42 -16.43 40.45
C VAL A 290 -39.24 -16.56 41.43
N MET A 291 -38.24 -15.67 41.30
CA MET A 291 -37.05 -15.64 42.15
C MET A 291 -36.99 -14.34 42.94
N SER A 292 -37.00 -14.44 44.28
CA SER A 292 -36.95 -13.29 45.19
C SER A 292 -35.56 -12.64 45.22
N THR A 293 -34.51 -13.46 45.45
CA THR A 293 -33.11 -13.02 45.50
C THR A 293 -32.22 -13.98 44.72
N ILE A 294 -31.42 -13.44 43.79
CA ILE A 294 -30.48 -14.23 42.98
C ILE A 294 -29.09 -14.12 43.62
N ASN A 295 -28.48 -15.27 43.95
CA ASN A 295 -27.16 -15.34 44.58
C ASN A 295 -26.04 -15.46 43.53
N PRO A 296 -24.89 -14.74 43.71
CA PRO A 296 -23.80 -14.84 42.72
C PRO A 296 -23.11 -16.20 42.79
N THR A 297 -23.49 -17.10 41.86
CA THR A 297 -22.98 -18.47 41.78
C THR A 297 -21.78 -18.62 40.82
N LYS A 298 -21.73 -17.80 39.76
CA LYS A 298 -20.66 -17.87 38.76
C LYS A 298 -19.33 -17.34 39.29
N ASP A 299 -18.30 -18.21 39.26
CA ASP A 299 -16.94 -17.88 39.70
C ASP A 299 -16.15 -17.45 38.46
N LEU A 300 -15.93 -16.13 38.32
CA LEU A 300 -15.21 -15.54 37.18
C LEU A 300 -13.76 -16.00 37.13
N LEU A 301 -13.09 -16.11 38.30
CA LEU A 301 -11.70 -16.54 38.43
C LEU A 301 -11.48 -17.99 38.02
N ALA A 302 -12.35 -18.92 38.48
CA ALA A 302 -12.29 -20.35 38.19
C ALA A 302 -12.48 -20.65 36.70
N ASP A 303 -13.38 -19.91 36.03
CA ASP A 303 -13.67 -20.07 34.61
C ASP A 303 -12.59 -19.44 33.73
N LEU A 304 -11.92 -18.38 34.23
CA LEU A 304 -10.85 -17.68 33.52
C LEU A 304 -9.57 -18.49 33.47
N ILE A 305 -9.15 -19.08 34.62
CA ILE A 305 -7.94 -19.91 34.73
C ILE A 305 -8.18 -21.26 34.03
N LEU A 310 -0.78 -21.09 33.87
CA LEU A 310 -0.41 -21.43 35.24
C LEU A 310 0.79 -20.67 35.87
N PRO A 311 1.80 -20.13 35.12
CA PRO A 311 2.90 -19.40 35.79
C PRO A 311 2.45 -18.16 36.56
N GLU A 312 3.13 -17.84 37.67
CA GLU A 312 2.83 -16.72 38.57
C GLU A 312 2.77 -15.33 37.94
N ASP A 313 3.54 -15.07 36.87
CA ASP A 313 3.52 -13.80 36.15
C ASP A 313 2.24 -13.68 35.32
N GLN A 314 1.75 -14.82 34.79
CA GLN A 314 0.52 -14.92 34.00
C GLN A 314 -0.71 -14.93 34.91
N ARG A 315 -0.64 -15.65 36.05
CA ARG A 315 -1.71 -15.77 37.05
C ARG A 315 -2.06 -14.40 37.66
N LYS A 316 -1.05 -13.56 37.93
CA LYS A 316 -1.21 -12.22 38.48
C LYS A 316 -1.95 -11.31 37.49
N LYS A 317 -1.67 -11.50 36.18
CA LYS A 317 -2.30 -10.76 35.09
C LYS A 317 -3.76 -11.18 34.91
N VAL A 318 -4.06 -12.47 35.15
CA VAL A 318 -5.41 -13.06 35.06
C VAL A 318 -6.32 -12.45 36.15
N HIS A 319 -5.79 -12.30 37.38
CA HIS A 319 -6.48 -11.68 38.52
C HIS A 319 -6.80 -10.21 38.21
N GLN A 320 -5.87 -9.52 37.53
CA GLN A 320 -6.01 -8.12 37.11
C GLN A 320 -7.11 -7.99 36.05
N LEU A 321 -7.22 -8.99 35.14
CA LEU A 321 -8.26 -9.05 34.10
C LEU A 321 -9.62 -9.26 34.79
N LYS A 322 -9.66 -10.16 35.80
CA LYS A 322 -10.85 -10.47 36.61
C LYS A 322 -11.37 -9.21 37.32
N ASP A 323 -10.46 -8.40 37.90
CA ASP A 323 -10.79 -7.14 38.59
C ASP A 323 -11.33 -6.11 37.61
N LEU A 324 -10.76 -6.07 36.38
CA LEU A 324 -11.18 -5.18 35.30
C LEU A 324 -12.57 -5.59 34.81
N LEU A 325 -12.79 -6.90 34.61
CA LEU A 325 -14.07 -7.47 34.15
C LEU A 325 -15.21 -7.23 35.14
N ASP A 326 -14.94 -7.29 36.46
CA ASP A 326 -15.94 -7.04 37.51
C ASP A 326 -16.41 -5.57 37.47
N GLN A 327 -15.49 -4.65 37.10
CA GLN A 327 -15.79 -3.22 36.96
C GLN A 327 -16.56 -2.95 35.66
N ILE A 328 -16.25 -3.70 34.58
CA ILE A 328 -16.92 -3.57 33.29
C ILE A 328 -18.33 -4.19 33.35
N LEU A 329 -18.46 -5.38 33.99
CA LEU A 329 -19.72 -6.10 34.08
C LEU A 329 -20.71 -5.64 35.17
N MET A 330 -20.61 -4.36 35.58
CA MET A 330 -21.54 -3.79 36.57
C MET A 330 -22.90 -3.63 35.89
N LEU A 331 -23.96 -4.19 36.50
CA LEU A 331 -25.32 -4.17 35.97
C LEU A 331 -25.87 -2.76 35.71
N ASP A 332 -25.59 -1.82 36.63
CA ASP A 332 -26.00 -0.42 36.51
C ASP A 332 -24.95 0.35 35.68
N PRO A 333 -25.33 0.94 34.51
CA PRO A 333 -24.34 1.68 33.69
C PRO A 333 -23.69 2.90 34.35
N ALA A 334 -24.34 3.47 35.38
CA ALA A 334 -23.82 4.63 36.12
C ALA A 334 -22.65 4.20 37.03
N LYS A 335 -22.65 2.91 37.46
CA LYS A 335 -21.62 2.32 38.30
C LYS A 335 -20.54 1.60 37.47
N ARG A 336 -20.63 1.70 36.13
CA ARG A 336 -19.69 1.08 35.20
C ARG A 336 -18.40 1.87 35.09
N ILE A 337 -17.26 1.16 34.90
CA ILE A 337 -15.94 1.77 34.74
C ILE A 337 -15.89 2.65 33.49
N SER A 338 -15.21 3.81 33.59
CA SER A 338 -15.04 4.74 32.49
C SER A 338 -13.90 4.26 31.57
N ILE A 339 -13.79 4.84 30.37
CA ILE A 339 -12.75 4.52 29.39
C ILE A 339 -11.35 4.88 29.95
N ASN A 340 -11.22 6.08 30.56
CA ASN A 340 -9.98 6.58 31.16
C ASN A 340 -9.46 5.68 32.28
N GLN A 341 -10.36 5.22 33.18
CA GLN A 341 -10.01 4.33 34.29
C GLN A 341 -9.66 2.92 33.81
N ALA A 342 -10.30 2.46 32.71
CA ALA A 342 -10.04 1.15 32.10
C ALA A 342 -8.66 1.14 31.43
N LEU A 343 -8.25 2.27 30.83
CA LEU A 343 -6.95 2.42 30.18
C LEU A 343 -5.82 2.55 31.21
N GLN A 344 -6.14 3.11 32.39
CA GLN A 344 -5.20 3.32 33.50
C GLN A 344 -5.13 2.12 34.46
N HIS A 345 -6.00 1.11 34.26
CA HIS A 345 -6.10 -0.11 35.08
C HIS A 345 -4.78 -0.89 35.12
N ALA A 346 -4.53 -1.58 36.26
CA ALA A 346 -3.34 -2.40 36.54
C ALA A 346 -3.10 -3.49 35.48
N PHE A 347 -4.17 -3.98 34.83
CA PHE A 347 -4.10 -5.00 33.78
C PHE A 347 -3.41 -4.45 32.53
N ILE A 348 -3.72 -3.21 32.14
CA ILE A 348 -3.13 -2.54 30.98
C ILE A 348 -1.72 -2.04 31.31
N GLN A 349 -1.57 -1.27 32.41
CA GLN A 349 -0.34 -0.65 32.87
C GLN A 349 0.76 -1.61 33.37
N GLU A 350 0.38 -2.87 33.67
CA GLU A 350 1.24 -3.97 34.17
C GLU A 350 1.98 -3.72 35.51
N ASP B 15 16.02 28.14 0.26
CA ASP B 15 17.33 28.60 -0.23
C ASP B 15 17.27 29.18 -1.65
N ALA B 16 18.32 29.93 -2.04
CA ALA B 16 18.46 30.58 -3.35
C ALA B 16 18.46 29.62 -4.55
N GLU B 17 18.96 28.38 -4.34
CA GLU B 17 19.04 27.32 -5.36
C GLU B 17 17.64 26.84 -5.80
N GLY B 18 16.71 26.80 -4.84
CA GLY B 18 15.33 26.39 -5.09
C GLY B 18 14.87 25.15 -4.34
N TYR B 19 15.78 24.49 -3.61
CA TYR B 19 15.48 23.27 -2.84
C TYR B 19 14.63 23.57 -1.60
N TYR B 20 13.72 22.64 -1.24
CA TYR B 20 12.88 22.76 -0.06
C TYR B 20 13.68 22.34 1.18
N ARG B 21 13.42 23.01 2.33
CA ARG B 21 14.10 22.81 3.61
C ARG B 21 14.07 21.38 4.18
N VAL B 22 13.00 20.60 3.87
CA VAL B 22 12.75 19.21 4.29
C VAL B 22 13.01 18.86 5.76
N ASN B 23 11.92 18.68 6.54
CA ASN B 23 11.99 18.33 7.97
C ASN B 23 11.31 16.99 8.23
N ILE B 24 11.98 16.09 8.97
CA ILE B 24 11.43 14.78 9.34
C ILE B 24 10.38 14.98 10.45
N GLY B 25 9.17 14.50 10.19
CA GLY B 25 8.04 14.63 11.10
C GLY B 25 6.95 15.53 10.56
N GLU B 26 7.29 16.36 9.54
CA GLU B 26 6.38 17.30 8.88
C GLU B 26 5.33 16.55 8.08
N VAL B 27 4.07 17.02 8.15
CA VAL B 27 2.94 16.41 7.44
C VAL B 27 2.63 17.20 6.18
N LEU B 28 2.81 16.56 5.01
CA LEU B 28 2.56 17.16 3.69
C LEU B 28 1.16 16.81 3.21
N ASP B 29 0.42 17.83 2.71
CA ASP B 29 -0.96 17.73 2.20
C ASP B 29 -1.96 17.15 3.23
N LYS B 30 -1.67 17.37 4.54
CA LYS B 30 -2.44 16.90 5.70
C LYS B 30 -2.59 15.37 5.77
N ARG B 31 -1.67 14.62 5.14
CA ARG B 31 -1.70 13.16 5.09
C ARG B 31 -0.32 12.47 5.04
N TYR B 32 0.65 13.05 4.33
CA TYR B 32 1.98 12.45 4.16
C TYR B 32 2.99 12.82 5.25
N ASN B 33 3.22 11.89 6.19
CA ASN B 33 4.15 12.07 7.29
C ASN B 33 5.56 11.64 6.88
N VAL B 34 6.47 12.62 6.70
CA VAL B 34 7.86 12.40 6.29
C VAL B 34 8.64 11.75 7.43
N TYR B 35 9.28 10.59 7.16
CA TYR B 35 10.05 9.86 8.17
C TYR B 35 11.54 9.68 7.82
N GLY B 36 11.86 9.67 6.52
CA GLY B 36 13.23 9.48 6.05
C GLY B 36 13.56 10.16 4.73
N TYR B 37 14.85 10.09 4.35
CA TYR B 37 15.40 10.67 3.12
C TYR B 37 15.82 9.60 2.13
N THR B 38 15.67 9.90 0.83
CA THR B 38 16.07 9.02 -0.27
C THR B 38 17.20 9.69 -1.07
N GLY B 39 17.26 11.02 -1.00
CA GLY B 39 18.25 11.84 -1.68
C GLY B 39 17.76 13.25 -1.96
N GLN B 40 18.58 14.26 -1.62
CA GLN B 40 18.27 15.68 -1.81
C GLN B 40 19.29 16.34 -2.75
N VAL B 42 18.90 16.01 -7.60
CA VAL B 42 19.60 16.98 -8.43
C VAL B 42 18.67 18.10 -8.89
N PHE B 43 17.54 17.74 -9.55
CA PHE B 43 16.53 18.67 -10.04
C PHE B 43 15.39 18.83 -9.02
N SER B 44 15.39 17.97 -7.99
CA SER B 44 14.39 17.92 -6.91
C SER B 44 14.94 17.13 -5.71
N ASN B 45 14.15 17.04 -4.63
CA ASN B 45 14.47 16.29 -3.42
C ASN B 45 13.38 15.23 -3.16
N VAL B 46 13.80 13.96 -3.05
CA VAL B 46 12.88 12.83 -2.85
C VAL B 46 12.91 12.36 -1.39
N VAL B 47 11.72 12.34 -0.75
CA VAL B 47 11.54 11.90 0.63
C VAL B 47 10.62 10.69 0.76
N ARG B 48 10.84 9.87 1.79
CA ARG B 48 10.01 8.71 2.10
C ARG B 48 8.94 9.16 3.09
N ALA B 49 7.67 8.84 2.79
CA ALA B 49 6.55 9.24 3.64
C ALA B 49 5.51 8.13 3.83
N ARG B 50 4.69 8.26 4.88
CA ARG B 50 3.62 7.35 5.21
C ARG B 50 2.28 8.10 5.08
N ASP B 51 1.37 7.57 4.24
CA ASP B 51 0.06 8.18 3.98
C ASP B 51 -0.96 7.86 5.07
N ASN B 52 -1.15 8.81 6.02
CA ASN B 52 -2.09 8.71 7.14
C ASN B 52 -3.54 8.52 6.70
N ALA B 53 -3.89 9.04 5.50
CA ALA B 53 -5.22 8.93 4.91
C ALA B 53 -5.46 7.54 4.31
N ARG B 54 -4.37 6.80 3.99
CA ARG B 54 -4.43 5.48 3.39
C ARG B 54 -3.74 4.38 4.23
N ALA B 55 -4.12 4.30 5.53
CA ALA B 55 -3.64 3.35 6.54
C ALA B 55 -2.11 3.28 6.70
N ASN B 56 -1.45 4.45 6.70
CA ASN B 56 0.00 4.62 6.82
C ASN B 56 0.84 3.89 5.77
N GLN B 57 0.32 3.77 4.53
CA GLN B 57 1.02 3.12 3.43
C GLN B 57 2.21 3.96 2.97
N GLU B 58 3.33 3.29 2.63
CA GLU B 58 4.55 3.95 2.19
C GLU B 58 4.41 4.57 0.82
N VAL B 59 4.92 5.80 0.68
CA VAL B 59 4.91 6.58 -0.57
C VAL B 59 6.23 7.34 -0.69
N ALA B 60 6.61 7.69 -1.93
CA ALA B 60 7.79 8.49 -2.22
C ALA B 60 7.27 9.83 -2.73
N VAL B 61 7.74 10.93 -2.12
CA VAL B 61 7.32 12.27 -2.50
C VAL B 61 8.48 13.05 -3.12
N LYS B 62 8.37 13.36 -4.41
CA LYS B 62 9.36 14.12 -5.16
C LYS B 62 8.97 15.59 -5.07
N ILE B 63 9.80 16.39 -4.39
CA ILE B 63 9.55 17.82 -4.19
C ILE B 63 10.41 18.62 -5.18
N ILE B 64 9.77 19.10 -6.27
CA ILE B 64 10.37 19.86 -7.36
C ILE B 64 10.92 21.21 -6.88
N ARG B 65 12.12 21.60 -7.37
CA ARG B 65 12.81 22.86 -7.07
C ARG B 65 11.96 24.08 -7.46
N ASN B 66 12.09 25.18 -6.69
CA ASN B 66 11.34 26.42 -6.88
C ASN B 66 11.79 27.30 -8.07
N ASN B 67 12.74 26.80 -8.88
CA ASN B 67 13.27 27.49 -10.07
C ASN B 67 12.21 27.60 -11.18
N GLU B 68 12.40 28.57 -12.10
CA GLU B 68 11.51 28.84 -13.24
C GLU B 68 11.47 27.67 -14.22
N LEU B 69 12.64 27.11 -14.57
CA LEU B 69 12.79 25.99 -15.50
C LEU B 69 12.50 24.63 -14.87
N MET B 70 12.73 24.49 -13.55
CA MET B 70 12.52 23.26 -12.80
C MET B 70 11.04 22.87 -12.67
N GLN B 71 10.17 23.87 -12.36
CA GLN B 71 8.73 23.66 -12.25
C GLN B 71 8.12 23.39 -13.63
N LYS B 72 8.71 23.99 -14.68
CA LYS B 72 8.32 23.80 -16.08
C LYS B 72 8.55 22.34 -16.48
N THR B 73 9.72 21.78 -16.08
CA THR B 73 10.07 20.37 -16.33
C THR B 73 9.29 19.46 -15.40
N GLY B 74 8.89 19.98 -14.24
CA GLY B 74 8.09 19.28 -13.24
C GLY B 74 6.68 19.02 -13.73
N LEU B 75 6.06 20.03 -14.36
CA LEU B 75 4.72 19.96 -14.95
C LEU B 75 4.76 19.07 -16.19
N LYS B 76 5.91 19.08 -16.90
CA LYS B 76 6.21 18.27 -18.08
C LYS B 76 6.31 16.80 -17.63
N GLU B 77 6.96 16.54 -16.47
CA GLU B 77 7.13 15.22 -15.86
C GLU B 77 5.76 14.68 -15.43
N LEU B 78 4.91 15.57 -14.85
CA LEU B 78 3.55 15.28 -14.39
C LEU B 78 2.70 14.78 -15.56
N GLU B 79 2.72 15.52 -16.69
CA GLU B 79 1.97 15.22 -17.91
C GLU B 79 2.40 13.91 -18.58
N PHE B 80 3.73 13.67 -18.66
CA PHE B 80 4.29 12.47 -19.26
C PHE B 80 3.97 11.20 -18.47
N LEU B 81 4.06 11.26 -17.13
CA LEU B 81 3.74 10.13 -16.26
C LEU B 81 2.26 9.78 -16.27
N LYS B 82 1.37 10.80 -16.40
CA LYS B 82 -0.07 10.61 -16.51
C LYS B 82 -0.42 9.85 -17.79
N LYS B 83 0.23 10.21 -18.92
CA LYS B 83 0.06 9.59 -20.24
C LYS B 83 0.48 8.11 -20.24
N LEU B 84 1.62 7.79 -19.59
CA LEU B 84 2.14 6.42 -19.51
C LEU B 84 1.31 5.53 -18.58
N ASN B 85 0.78 6.09 -17.47
CA ASN B 85 -0.05 5.35 -16.51
C ASN B 85 -1.43 5.04 -17.09
N ASP B 86 -2.03 5.99 -17.85
CA ASP B 86 -3.33 5.83 -18.48
C ASP B 86 -3.31 4.77 -19.59
N ALA B 87 -2.19 4.73 -20.35
CA ALA B 87 -1.98 3.77 -21.45
C ALA B 87 -1.65 2.36 -20.93
N ASP B 88 -1.18 2.26 -19.67
CA ASP B 88 -0.84 0.99 -19.03
C ASP B 88 -1.68 0.84 -17.73
N PRO B 89 -2.99 0.48 -17.84
CA PRO B 89 -3.82 0.37 -16.63
C PRO B 89 -3.49 -0.80 -15.73
N ASP B 90 -3.05 -1.93 -16.31
CA ASP B 90 -2.70 -3.16 -15.59
C ASP B 90 -1.25 -3.20 -15.07
N ASP B 91 -0.45 -2.15 -15.37
CA ASP B 91 0.96 -1.98 -14.97
C ASP B 91 1.83 -3.18 -15.42
N LYS B 92 1.88 -3.40 -16.74
CA LYS B 92 2.62 -4.52 -17.34
C LYS B 92 3.87 -4.03 -18.11
N PHE B 93 3.98 -2.71 -18.36
CA PHE B 93 5.09 -2.14 -19.13
C PHE B 93 6.15 -1.37 -18.31
N HIS B 94 6.41 -1.84 -17.09
CA HIS B 94 7.43 -1.41 -16.12
C HIS B 94 7.86 0.07 -16.07
N CYS B 95 6.89 0.98 -15.88
CA CYS B 95 7.14 2.42 -15.76
C CYS B 95 6.64 2.92 -14.39
N LEU B 96 7.27 3.98 -13.84
CA LEU B 96 6.94 4.58 -12.55
C LEU B 96 5.45 4.95 -12.48
N ARG B 97 4.80 4.62 -11.35
CA ARG B 97 3.39 4.92 -11.14
C ARG B 97 3.24 6.18 -10.30
N LEU B 98 2.71 7.25 -10.92
CA LEU B 98 2.41 8.50 -10.24
C LEU B 98 1.04 8.32 -9.61
N PHE B 99 0.94 8.49 -8.29
CA PHE B 99 -0.33 8.33 -7.59
C PHE B 99 -1.16 9.60 -7.77
N ARG B 100 -0.61 10.75 -7.33
CA ARG B 100 -1.24 12.07 -7.41
C ARG B 100 -0.21 13.20 -7.22
N HIS B 101 -0.67 14.46 -7.24
CA HIS B 101 0.19 15.62 -7.06
C HIS B 101 -0.47 16.69 -6.19
N PHE B 102 0.36 17.50 -5.50
CA PHE B 102 -0.07 18.60 -4.65
C PHE B 102 1.00 19.69 -4.60
N TYR B 103 0.68 20.81 -3.95
CA TYR B 103 1.61 21.93 -3.79
C TYR B 103 1.91 22.15 -2.32
N HIS B 104 3.18 22.37 -1.98
CA HIS B 104 3.60 22.61 -0.61
C HIS B 104 4.67 23.68 -0.57
N LYS B 105 4.34 24.84 0.04
CA LYS B 105 5.19 26.02 0.21
C LYS B 105 5.87 26.44 -1.10
N GLN B 106 5.06 26.62 -2.18
CA GLN B 106 5.42 27.01 -3.56
C GLN B 106 5.95 25.88 -4.46
N HIS B 107 6.36 24.74 -3.87
CA HIS B 107 6.93 23.62 -4.62
C HIS B 107 5.88 22.62 -5.10
N LEU B 108 6.04 22.12 -6.33
CA LEU B 108 5.17 21.08 -6.88
C LEU B 108 5.65 19.74 -6.32
N CYS B 109 4.74 18.98 -5.69
CA CYS B 109 5.06 17.69 -5.08
C CYS B 109 4.38 16.54 -5.81
N LEU B 110 5.17 15.54 -6.23
CA LEU B 110 4.69 14.38 -6.96
C LEU B 110 4.71 13.14 -6.06
N VAL B 111 3.54 12.49 -5.90
CA VAL B 111 3.40 11.29 -5.06
C VAL B 111 3.61 10.06 -5.94
N PHE B 112 4.63 9.25 -5.61
CA PHE B 112 4.98 8.04 -6.35
C PHE B 112 4.89 6.79 -5.49
N GLU B 113 4.83 5.62 -6.15
CA GLU B 113 4.81 4.31 -5.53
C GLU B 113 6.12 4.08 -4.76
N PRO B 114 6.13 3.33 -3.62
CA PRO B 114 7.41 3.14 -2.91
C PRO B 114 8.30 2.10 -3.61
N LEU B 115 9.56 2.47 -3.84
CA LEU B 115 10.56 1.61 -4.46
C LEU B 115 11.80 1.56 -3.58
N SER B 116 12.46 0.38 -3.51
CA SER B 116 13.61 0.15 -2.65
C SER B 116 14.85 0.99 -2.96
N MET B 117 15.49 0.75 -4.12
CA MET B 117 16.72 1.44 -4.54
C MET B 117 16.91 1.41 -6.06
N ASN B 118 17.77 2.31 -6.59
CA ASN B 118 18.06 2.35 -8.02
C ASN B 118 19.10 1.28 -8.40
N LEU B 119 19.26 0.97 -9.70
CA LEU B 119 20.21 -0.04 -10.18
C LEU B 119 21.68 0.29 -9.95
N ARG B 120 22.03 1.58 -9.83
CA ARG B 120 23.40 2.03 -9.54
C ARG B 120 23.75 1.61 -8.09
N GLU B 121 22.76 1.71 -7.18
CA GLU B 121 22.87 1.34 -5.77
C GLU B 121 22.97 -0.18 -5.60
N VAL B 122 22.22 -0.97 -6.40
CA VAL B 122 22.27 -2.45 -6.34
C VAL B 122 23.64 -2.97 -6.81
N LEU B 123 24.20 -2.34 -7.88
CA LEU B 123 25.48 -2.66 -8.49
C LEU B 123 26.63 -2.46 -7.51
N LYS B 124 26.54 -1.42 -6.65
CA LYS B 124 27.52 -1.12 -5.59
C LYS B 124 27.45 -2.18 -4.50
N LYS B 125 26.21 -2.66 -4.21
CA LYS B 125 25.95 -3.70 -3.21
C LYS B 125 26.41 -5.08 -3.68
N TYR B 126 26.61 -5.25 -5.01
CA TYR B 126 27.09 -6.50 -5.61
C TYR B 126 28.61 -6.58 -5.60
N GLY B 127 29.29 -5.43 -5.57
CA GLY B 127 30.74 -5.36 -5.52
C GLY B 127 31.43 -4.63 -6.65
N LYS B 128 32.76 -4.52 -6.53
CA LYS B 128 33.65 -3.86 -7.49
C LYS B 128 33.77 -4.73 -8.75
N ASP B 129 33.20 -4.25 -9.88
CA ASP B 129 33.18 -4.91 -11.19
C ASP B 129 32.62 -6.34 -11.18
N VAL B 130 31.66 -6.60 -10.28
CA VAL B 130 31.03 -7.91 -10.11
C VAL B 130 29.86 -8.09 -11.08
N GLY B 131 28.89 -7.19 -11.01
CA GLY B 131 27.69 -7.24 -11.83
C GLY B 131 26.66 -8.24 -11.32
N LEU B 132 25.46 -8.22 -11.91
CA LEU B 132 24.35 -9.09 -11.55
C LEU B 132 24.48 -10.47 -12.20
N HIS B 133 23.70 -11.45 -11.71
CA HIS B 133 23.65 -12.80 -12.26
C HIS B 133 22.95 -12.74 -13.62
N ILE B 134 23.36 -13.61 -14.58
CA ILE B 134 22.80 -13.63 -15.93
C ILE B 134 21.27 -13.80 -15.99
N LYS B 135 20.70 -14.54 -15.01
CA LYS B 135 19.25 -14.75 -14.88
C LYS B 135 18.55 -13.42 -14.53
N ALA B 136 19.17 -12.60 -13.66
CA ALA B 136 18.65 -11.30 -13.25
C ALA B 136 18.71 -10.31 -14.41
N VAL B 137 19.83 -10.31 -15.16
CA VAL B 137 20.06 -9.45 -16.35
C VAL B 137 19.01 -9.78 -17.43
N ARG B 138 18.69 -11.09 -17.60
CA ARG B 138 17.68 -11.59 -18.54
C ARG B 138 16.30 -11.04 -18.18
N SER B 139 15.92 -11.14 -16.88
CA SER B 139 14.63 -10.65 -16.38
C SER B 139 14.57 -9.12 -16.48
N TYR B 140 15.69 -8.43 -16.17
CA TYR B 140 15.78 -6.97 -16.23
C TYR B 140 15.71 -6.42 -17.66
N SER B 141 16.35 -7.12 -18.63
CA SER B 141 16.33 -6.72 -20.04
C SER B 141 14.91 -6.71 -20.61
N GLN B 142 14.15 -7.79 -20.36
CA GLN B 142 12.75 -7.96 -20.80
C GLN B 142 11.87 -6.82 -20.29
N GLN B 143 12.02 -6.46 -19.00
CA GLN B 143 11.25 -5.39 -18.36
C GLN B 143 11.64 -4.02 -18.91
N LEU B 144 12.95 -3.82 -19.23
CA LEU B 144 13.47 -2.60 -19.82
C LEU B 144 12.95 -2.46 -21.25
N PHE B 145 12.89 -3.57 -22.02
CA PHE B 145 12.36 -3.59 -23.37
C PHE B 145 10.84 -3.35 -23.38
N LEU B 146 10.12 -3.83 -22.34
CA LEU B 146 8.68 -3.60 -22.19
C LEU B 146 8.40 -2.13 -21.90
N ALA B 147 9.31 -1.45 -21.18
CA ALA B 147 9.23 -0.03 -20.86
C ALA B 147 9.41 0.80 -22.14
N LEU B 148 10.28 0.34 -23.08
CA LEU B 148 10.53 0.99 -24.36
C LEU B 148 9.30 0.90 -25.27
N LYS B 149 8.56 -0.24 -25.20
CA LYS B 149 7.35 -0.51 -25.96
C LYS B 149 6.26 0.53 -25.64
N LEU B 150 6.02 0.79 -24.33
CA LEU B 150 5.03 1.77 -23.86
C LEU B 150 5.47 3.19 -24.19
N LEU B 151 6.79 3.46 -24.08
CA LEU B 151 7.41 4.75 -24.40
C LEU B 151 7.17 5.09 -25.88
N LYS B 152 7.34 4.09 -26.77
CA LYS B 152 7.12 4.22 -28.21
C LYS B 152 5.64 4.44 -28.53
N ARG B 153 4.75 3.64 -27.91
CA ARG B 153 3.30 3.68 -28.07
C ARG B 153 2.69 5.06 -27.68
N CYS B 154 3.30 5.73 -26.68
CA CYS B 154 2.85 7.04 -26.19
C CYS B 154 3.60 8.22 -26.85
N ASN B 155 4.49 7.91 -27.83
CA ASN B 155 5.33 8.88 -28.57
C ASN B 155 6.23 9.69 -27.62
N ILE B 156 6.84 9.00 -26.64
CA ILE B 156 7.71 9.60 -25.62
C ILE B 156 9.15 9.07 -25.71
N LEU B 157 10.12 9.97 -25.54
CA LEU B 157 11.55 9.67 -25.51
C LEU B 157 11.98 9.97 -24.07
N HIS B 158 12.46 8.96 -23.31
CA HIS B 158 12.91 9.15 -21.92
C HIS B 158 14.13 10.06 -21.88
N ALA B 159 15.07 9.86 -22.82
CA ALA B 159 16.31 10.62 -23.02
C ALA B 159 17.27 10.67 -21.81
N ASP B 160 17.21 9.66 -20.90
CA ASP B 160 18.09 9.55 -19.73
C ASP B 160 18.06 8.16 -19.08
N ILE B 161 18.03 7.10 -19.92
CA ILE B 161 18.02 5.73 -19.42
C ILE B 161 19.42 5.34 -18.95
N LYS B 162 19.55 5.12 -17.64
CA LYS B 162 20.79 4.76 -16.94
C LYS B 162 20.47 4.02 -15.62
N PRO B 163 21.41 3.22 -15.02
CA PRO B 163 21.09 2.52 -13.76
C PRO B 163 20.55 3.41 -12.64
N ASP B 164 20.97 4.69 -12.61
CA ASP B 164 20.54 5.69 -11.62
C ASP B 164 19.04 6.00 -11.73
N ASN B 165 18.49 5.92 -12.96
CA ASN B 165 17.08 6.20 -13.25
C ASN B 165 16.16 4.98 -13.35
N ILE B 166 16.67 3.79 -12.97
CA ILE B 166 15.90 2.55 -12.96
C ILE B 166 15.80 2.07 -11.51
N LEU B 167 14.60 2.14 -10.93
CA LEU B 167 14.35 1.75 -9.54
C LEU B 167 13.84 0.32 -9.45
N VAL B 168 14.16 -0.36 -8.34
CA VAL B 168 13.78 -1.75 -8.12
C VAL B 168 12.97 -1.92 -6.81
N ASN B 169 12.11 -2.96 -6.75
CA ASN B 169 11.32 -3.23 -5.54
C ASN B 169 12.17 -3.92 -4.46
N GLU B 170 11.59 -4.11 -3.25
CA GLU B 170 12.26 -4.74 -2.09
C GLU B 170 12.86 -6.12 -2.37
N SER B 171 12.12 -6.98 -3.11
CA SER B 171 12.55 -8.33 -3.48
C SER B 171 13.51 -8.32 -4.69
N LYS B 172 13.65 -7.15 -5.35
CA LYS B 172 14.49 -6.90 -6.52
C LYS B 172 14.12 -7.75 -7.76
N THR B 173 12.83 -8.13 -7.85
CA THR B 173 12.29 -8.95 -8.94
C THR B 173 11.65 -8.08 -10.03
N ILE B 174 11.12 -6.91 -9.64
CA ILE B 174 10.44 -5.98 -10.54
C ILE B 174 11.15 -4.63 -10.57
N LEU B 175 11.48 -4.14 -11.78
CA LEU B 175 12.05 -2.80 -11.93
C LEU B 175 11.07 -1.83 -12.58
N LYS B 176 11.33 -0.53 -12.42
CA LYS B 176 10.49 0.52 -13.00
C LYS B 176 11.36 1.66 -13.50
N LEU B 177 11.06 2.15 -14.73
CA LEU B 177 11.79 3.26 -15.33
CA LEU B 177 11.79 3.26 -15.32
C LEU B 177 11.31 4.54 -14.65
N CYS B 178 12.24 5.31 -14.09
CA CYS B 178 11.94 6.53 -13.35
C CYS B 178 12.63 7.77 -13.93
N ASP B 179 12.34 8.96 -13.35
CA ASP B 179 12.87 10.28 -13.70
C ASP B 179 12.58 10.66 -15.15
N PHE B 180 11.40 11.26 -15.37
CA PHE B 180 10.93 11.71 -16.68
C PHE B 180 11.07 13.24 -16.81
N GLY B 181 11.99 13.82 -16.04
CA GLY B 181 12.30 15.24 -16.02
C GLY B 181 12.98 15.74 -17.27
N SER B 182 13.71 14.86 -17.97
CA SER B 182 14.43 15.20 -19.20
C SER B 182 13.75 14.58 -20.45
N ALA B 183 12.56 13.99 -20.27
CA ALA B 183 11.76 13.36 -21.33
C ALA B 183 11.18 14.39 -22.30
N SER B 184 10.93 13.97 -23.56
CA SER B 184 10.38 14.83 -24.61
C SER B 184 9.63 14.04 -25.69
N HIS B 185 8.78 14.76 -26.47
CA HIS B 185 8.01 14.19 -27.58
C HIS B 185 8.94 13.97 -28.79
N VAL B 186 8.54 13.07 -29.71
CA VAL B 186 9.29 12.73 -30.93
C VAL B 186 9.29 13.91 -31.91
N ALA B 187 8.10 14.51 -32.16
CA ALA B 187 7.89 15.64 -33.07
C ALA B 187 8.60 16.90 -32.56
N ASP B 188 8.64 17.09 -31.23
CA ASP B 188 9.29 18.22 -30.58
C ASP B 188 10.72 17.85 -30.20
N ASN B 189 11.58 17.61 -31.21
CA ASN B 189 12.97 17.24 -31.04
C ASN B 189 13.93 18.38 -31.37
N ASP B 190 14.66 18.87 -30.34
CA ASP B 190 15.61 19.97 -30.47
C ASP B 190 17.00 19.46 -30.87
N ILE B 191 17.68 20.21 -31.75
CA ILE B 191 19.02 19.88 -32.23
C ILE B 191 20.04 20.25 -31.14
N THR B 192 20.42 19.26 -30.32
CA THR B 192 21.37 19.43 -29.21
C THR B 192 22.29 18.21 -29.04
N PRO B 193 23.63 18.41 -28.97
CA PRO B 193 24.53 17.26 -28.79
C PRO B 193 24.73 16.85 -27.33
N PTR B 194 24.04 17.53 -26.39
CA PTR B 194 24.16 17.25 -24.96
C PTR B 194 22.97 16.50 -24.36
O PTR B 194 22.89 16.38 -23.13
CB PTR B 194 24.62 18.50 -24.18
CG PTR B 194 25.88 19.10 -24.76
CD1 PTR B 194 27.04 18.32 -24.96
CD2 PTR B 194 25.91 20.47 -25.11
CE1 PTR B 194 28.20 18.88 -25.50
CE2 PTR B 194 27.07 21.05 -25.64
CZ PTR B 194 28.25 20.26 -25.86
OH PTR B 194 29.45 20.73 -26.38
P PTR B 194 29.44 21.96 -27.33
O1P PTR B 194 30.82 22.10 -27.96
O2P PTR B 194 28.40 21.82 -28.44
O3P PTR B 194 29.17 23.24 -26.52
N LEU B 195 22.04 15.99 -25.20
CA LEU B 195 20.90 15.20 -24.75
C LEU B 195 21.38 13.81 -24.33
N VAL B 196 20.83 13.27 -23.21
CA VAL B 196 21.16 11.97 -22.60
C VAL B 196 22.50 12.07 -21.85
N SER B 197 22.62 11.44 -20.65
CA SER B 197 23.87 11.42 -19.88
C SER B 197 24.97 10.83 -20.76
N ARG B 198 26.07 11.59 -20.93
CA ARG B 198 27.24 11.31 -21.78
C ARG B 198 27.57 9.85 -22.07
N PHE B 199 27.71 9.01 -21.02
CA PHE B 199 28.07 7.60 -21.17
C PHE B 199 27.01 6.74 -21.88
N TYR B 200 25.75 7.17 -21.82
CA TYR B 200 24.59 6.47 -22.39
C TYR B 200 24.03 7.18 -23.63
N ARG B 201 24.80 8.16 -24.14
CA ARG B 201 24.46 9.00 -25.29
C ARG B 201 24.71 8.29 -26.63
N ALA B 202 23.65 8.23 -27.47
CA ALA B 202 23.65 7.61 -28.79
C ALA B 202 24.53 8.38 -29.80
N PRO B 203 25.18 7.70 -30.77
CA PRO B 203 26.03 8.43 -31.74
C PRO B 203 25.31 9.44 -32.63
N GLU B 204 24.00 9.25 -32.89
CA GLU B 204 23.18 10.17 -33.70
C GLU B 204 22.97 11.53 -33.02
N ILE B 205 22.98 11.56 -31.67
CA ILE B 205 22.85 12.77 -30.85
C ILE B 205 24.12 13.62 -31.02
N ILE B 206 25.30 12.97 -30.90
CA ILE B 206 26.63 13.59 -31.01
C ILE B 206 26.86 14.14 -32.43
N ILE B 207 26.59 13.33 -33.47
CA ILE B 207 26.77 13.73 -34.88
C ILE B 207 25.74 14.78 -35.34
N GLY B 208 24.55 14.78 -34.75
CA GLY B 208 23.48 15.71 -35.07
C GLY B 208 22.45 15.19 -36.06
N LYS B 209 22.43 13.86 -36.27
CA LYS B 209 21.49 13.17 -37.16
C LYS B 209 20.11 13.14 -36.50
N SER B 210 19.03 13.04 -37.31
CA SER B 210 17.65 12.98 -36.80
C SER B 210 17.49 11.75 -35.89
N TYR B 211 17.00 11.97 -34.66
CA TYR B 211 16.85 10.93 -33.65
C TYR B 211 15.41 10.61 -33.29
N ASP B 212 15.16 9.33 -32.93
CA ASP B 212 13.85 8.81 -32.53
C ASP B 212 13.98 7.98 -31.24
N TYR B 213 13.17 6.91 -31.10
CA TYR B 213 13.14 5.98 -29.97
C TYR B 213 14.44 5.18 -29.83
N GLY B 214 15.23 5.13 -30.90
CA GLY B 214 16.52 4.44 -30.98
C GLY B 214 17.55 4.87 -29.95
N ILE B 215 17.48 6.14 -29.49
CA ILE B 215 18.37 6.69 -28.47
C ILE B 215 18.15 6.01 -27.11
N ASP B 216 16.88 5.66 -26.83
CA ASP B 216 16.47 4.97 -25.61
C ASP B 216 16.90 3.50 -25.68
N MET B 217 16.82 2.89 -26.90
CA MET B 217 17.25 1.51 -27.15
C MET B 217 18.78 1.42 -26.92
N TRP B 218 19.56 2.38 -27.47
CA TRP B 218 21.02 2.47 -27.32
C TRP B 218 21.40 2.54 -25.84
N SER B 219 20.72 3.41 -25.06
CA SER B 219 20.93 3.59 -23.62
C SER B 219 20.68 2.31 -22.86
N VAL B 220 19.61 1.55 -23.22
CA VAL B 220 19.26 0.25 -22.63
C VAL B 220 20.43 -0.74 -22.82
N GLY B 221 21.00 -0.76 -24.02
CA GLY B 221 22.15 -1.59 -24.36
C GLY B 221 23.36 -1.27 -23.51
N CYS B 222 23.64 0.03 -23.31
CA CYS B 222 24.74 0.53 -22.46
C CYS B 222 24.53 0.08 -21.02
N THR B 223 23.27 0.12 -20.52
CA THR B 223 22.91 -0.29 -19.17
C THR B 223 23.02 -1.80 -18.97
N LEU B 224 22.59 -2.60 -19.97
CA LEU B 224 22.65 -4.07 -19.93
C LEU B 224 24.07 -4.60 -19.78
N TYR B 225 25.06 -3.97 -20.46
CA TYR B 225 26.47 -4.33 -20.36
C TYR B 225 26.94 -4.05 -18.94
N GLU B 226 26.59 -2.85 -18.42
CA GLU B 226 26.92 -2.37 -17.08
C GLU B 226 26.28 -3.23 -15.99
N LEU B 227 25.05 -3.71 -16.22
CA LEU B 227 24.31 -4.56 -15.29
C LEU B 227 25.00 -5.91 -15.07
N TYR B 228 25.63 -6.47 -16.12
CA TYR B 228 26.33 -7.76 -16.03
C TYR B 228 27.81 -7.65 -15.65
N THR B 229 28.50 -6.58 -16.10
CA THR B 229 29.93 -6.39 -15.84
C THR B 229 30.24 -5.55 -14.61
N GLY B 230 29.37 -4.60 -14.29
CA GLY B 230 29.57 -3.67 -13.19
C GLY B 230 30.40 -2.46 -13.59
N LYS B 231 30.79 -2.40 -14.88
CA LYS B 231 31.62 -1.34 -15.47
C LYS B 231 30.83 -0.58 -16.54
N ILE B 232 31.14 0.72 -16.72
CA ILE B 232 30.54 1.57 -17.74
C ILE B 232 31.09 1.13 -19.12
N LEU B 233 30.19 0.90 -20.09
CA LEU B 233 30.55 0.47 -21.44
C LEU B 233 31.44 1.48 -22.17
N PHE B 234 30.98 2.73 -22.30
CA PHE B 234 31.75 3.78 -22.95
C PHE B 234 32.01 4.94 -21.96
N PRO B 235 33.10 4.87 -21.16
CA PRO B 235 33.36 5.95 -20.19
C PRO B 235 34.14 7.13 -20.79
N GLY B 236 33.56 7.73 -21.83
CA GLY B 236 34.14 8.86 -22.56
C GLY B 236 34.14 10.16 -21.78
N LYS B 237 35.25 10.89 -21.84
CA LYS B 237 35.43 12.17 -21.15
C LYS B 237 34.72 13.32 -21.89
N THR B 238 34.61 13.22 -23.23
CA THR B 238 33.98 14.22 -24.10
C THR B 238 33.13 13.54 -25.18
N ASN B 239 32.36 14.34 -25.95
CA ASN B 239 31.52 13.86 -27.05
C ASN B 239 32.36 13.22 -28.17
N ASN B 240 33.57 13.74 -28.40
CA ASN B 240 34.51 13.23 -29.40
C ASN B 240 35.10 11.87 -28.94
N HIS B 241 35.40 11.74 -27.64
CA HIS B 241 35.94 10.50 -27.06
C HIS B 241 34.88 9.41 -27.03
N MET B 242 33.59 9.80 -26.90
CA MET B 242 32.43 8.89 -26.91
C MET B 242 32.31 8.20 -28.27
N LEU B 243 32.53 8.96 -29.38
CA LEU B 243 32.48 8.42 -30.74
C LEU B 243 33.61 7.44 -30.99
N LYS B 244 34.83 7.76 -30.50
CA LYS B 244 36.03 6.92 -30.60
C LYS B 244 35.79 5.56 -29.95
N LEU B 245 35.23 5.54 -28.72
CA LEU B 245 34.92 4.31 -27.97
C LEU B 245 33.83 3.49 -28.64
N ALA B 246 32.81 4.16 -29.23
CA ALA B 246 31.71 3.51 -29.94
C ALA B 246 32.23 2.89 -31.25
N MET B 247 33.17 3.57 -31.93
CA MET B 247 33.78 3.10 -33.17
C MET B 247 34.82 1.99 -32.93
N ASP B 248 35.35 1.88 -31.69
CA ASP B 248 36.30 0.83 -31.31
C ASP B 248 35.68 -0.57 -31.29
N LEU B 249 34.34 -0.65 -31.33
CA LEU B 249 33.57 -1.90 -31.33
C LEU B 249 32.94 -2.23 -32.70
N LYS B 250 32.35 -1.22 -33.37
CA LYS B 250 31.65 -1.38 -34.64
C LYS B 250 32.42 -0.92 -35.90
N GLY B 251 33.61 -0.36 -35.70
CA GLY B 251 34.42 0.17 -36.79
C GLY B 251 34.01 1.60 -37.11
N LYS B 252 34.52 2.15 -38.22
CA LYS B 252 34.21 3.52 -38.65
C LYS B 252 32.71 3.69 -38.97
N MET B 253 32.14 4.84 -38.57
CA MET B 253 30.74 5.21 -38.80
C MET B 253 30.48 5.27 -40.32
N PRO B 254 29.35 4.72 -40.84
CA PRO B 254 29.11 4.77 -42.30
C PRO B 254 29.01 6.19 -42.84
N ASN B 255 29.59 6.41 -44.05
CA ASN B 255 29.64 7.70 -44.76
C ASN B 255 28.27 8.36 -44.96
N LYS B 256 27.22 7.53 -45.16
CA LYS B 256 25.83 7.97 -45.35
C LYS B 256 25.26 8.61 -44.08
N MET B 257 25.69 8.12 -42.89
CA MET B 257 25.24 8.62 -41.60
C MET B 257 25.91 9.96 -41.24
N ILE B 258 27.23 10.09 -41.49
CA ILE B 258 28.03 11.29 -41.21
C ILE B 258 27.49 12.53 -41.94
N ARG B 259 27.17 12.38 -43.25
CA ARG B 259 26.62 13.44 -44.11
C ARG B 259 25.28 14.00 -43.59
N LYS B 260 24.45 13.13 -42.98
CA LYS B 260 23.14 13.50 -42.42
C LYS B 260 23.25 14.30 -41.12
N GLY B 261 24.37 14.13 -40.41
CA GLY B 261 24.63 14.82 -39.15
C GLY B 261 24.97 16.29 -39.28
N VAL B 262 24.46 17.12 -38.35
CA VAL B 262 24.66 18.57 -38.31
C VAL B 262 26.06 18.92 -37.75
N PHE B 263 26.47 18.26 -36.64
CA PHE B 263 27.76 18.49 -35.98
C PHE B 263 28.87 17.55 -36.50
N LYS B 264 28.80 17.17 -37.79
CA LYS B 264 29.79 16.28 -38.43
C LYS B 264 31.18 16.92 -38.58
N ASP B 265 31.22 18.26 -38.78
CA ASP B 265 32.42 19.07 -38.96
C ASP B 265 33.35 19.05 -37.73
N GLN B 266 32.75 19.02 -36.53
CA GLN B 266 33.43 19.01 -35.23
C GLN B 266 34.21 17.72 -34.96
N HIS B 267 33.82 16.59 -35.60
CA HIS B 267 34.45 15.29 -35.39
C HIS B 267 35.06 14.65 -36.64
N PHE B 268 34.57 15.02 -37.83
CA PHE B 268 35.05 14.49 -39.11
C PHE B 268 35.45 15.60 -40.09
N ASP B 269 36.50 15.33 -40.90
CA ASP B 269 36.99 16.26 -41.92
C ASP B 269 36.24 16.07 -43.26
N GLN B 270 36.66 16.79 -44.32
CA GLN B 270 36.04 16.74 -45.65
C GLN B 270 36.26 15.39 -46.36
N ASN B 271 37.33 14.66 -46.00
CA ASN B 271 37.66 13.34 -46.56
C ASN B 271 36.93 12.21 -45.81
N LEU B 272 36.02 12.58 -44.88
CA LEU B 272 35.22 11.70 -44.02
C LEU B 272 36.05 10.81 -43.08
N ASN B 273 37.13 11.40 -42.53
CA ASN B 273 38.05 10.75 -41.60
C ASN B 273 37.84 11.33 -40.19
N PHE B 274 37.87 10.47 -39.17
CA PHE B 274 37.66 10.88 -37.77
C PHE B 274 38.85 11.64 -37.20
N MET B 275 38.55 12.77 -36.54
CA MET B 275 39.53 13.64 -35.89
C MET B 275 39.49 13.41 -34.37
N TYR B 276 40.41 12.58 -33.86
CA TYR B 276 40.49 12.25 -32.43
C TYR B 276 41.31 13.29 -31.67
N ILE B 277 40.72 13.85 -30.60
CA ILE B 277 41.34 14.87 -29.76
C ILE B 277 41.97 14.25 -28.50
N GLU B 278 43.24 14.58 -28.24
CA GLU B 278 43.99 14.08 -27.07
C GLU B 278 44.62 15.24 -26.29
N VAL B 279 44.46 15.20 -24.95
CA VAL B 279 44.99 16.22 -24.03
C VAL B 279 46.40 15.84 -23.57
N ASP B 280 47.34 16.81 -23.61
CA ASP B 280 48.77 16.71 -23.23
C ASP B 280 49.57 15.73 -24.10
N GLU B 284 49.09 21.29 -21.00
CA GLU B 284 48.23 20.23 -21.53
C GLU B 284 47.38 20.74 -22.71
N ARG B 285 47.99 20.78 -23.91
CA ARG B 285 47.36 21.26 -25.14
C ARG B 285 46.69 20.13 -25.92
N GLU B 286 45.57 20.46 -26.60
CA GLU B 286 44.78 19.52 -27.40
C GLU B 286 45.49 19.18 -28.71
N LYS B 287 45.66 17.87 -28.98
CA LYS B 287 46.30 17.36 -30.19
C LYS B 287 45.30 16.58 -31.03
N VAL B 288 45.22 16.90 -32.33
CA VAL B 288 44.29 16.27 -33.27
C VAL B 288 45.00 15.20 -34.11
N THR B 289 44.49 13.96 -34.06
CA THR B 289 45.02 12.82 -34.81
C THR B 289 43.97 12.30 -35.82
N VAL B 290 44.30 12.39 -37.12
CA VAL B 290 43.42 11.98 -38.22
C VAL B 290 43.48 10.46 -38.41
N MET B 291 42.31 9.81 -38.35
CA MET B 291 42.18 8.36 -38.52
C MET B 291 41.33 8.03 -39.74
N SER B 292 41.94 7.37 -40.74
CA SER B 292 41.28 6.98 -42.00
C SER B 292 40.29 5.85 -41.79
N THR B 293 40.70 4.78 -41.07
CA THR B 293 39.89 3.61 -40.75
C THR B 293 40.10 3.18 -39.30
N ILE B 294 39.00 2.93 -38.57
CA ILE B 294 39.03 2.49 -37.17
C ILE B 294 38.77 0.97 -37.14
N ASN B 295 39.75 0.21 -36.64
CA ASN B 295 39.67 -1.25 -36.54
C ASN B 295 38.91 -1.70 -35.28
N PRO B 296 37.99 -2.69 -35.38
CA PRO B 296 37.25 -3.13 -34.18
C PRO B 296 38.14 -3.92 -33.22
N THR B 297 38.69 -3.22 -32.21
CA THR B 297 39.59 -3.79 -31.20
C THR B 297 38.85 -4.29 -29.95
N LYS B 298 37.70 -3.66 -29.62
CA LYS B 298 36.89 -4.01 -28.45
C LYS B 298 36.24 -5.38 -28.59
N ASP B 299 36.66 -6.33 -27.74
CA ASP B 299 36.13 -7.69 -27.71
C ASP B 299 35.01 -7.72 -26.66
N LEU B 300 33.75 -7.78 -27.11
CA LEU B 300 32.59 -7.81 -26.22
C LEU B 300 32.53 -9.05 -25.35
N LEU B 301 32.82 -10.24 -25.94
CA LEU B 301 32.83 -11.53 -25.23
C LEU B 301 33.88 -11.60 -24.11
N ALA B 302 35.12 -11.16 -24.38
CA ALA B 302 36.24 -11.15 -23.43
C ALA B 302 35.96 -10.20 -22.25
N ASP B 303 35.34 -9.04 -22.54
CA ASP B 303 35.00 -8.04 -21.53
C ASP B 303 33.68 -8.37 -20.79
N LEU B 304 32.92 -9.37 -21.29
CA LEU B 304 31.65 -9.82 -20.73
C LEU B 304 31.86 -11.01 -19.77
N ILE B 305 32.63 -12.03 -20.21
CA ILE B 305 32.94 -13.22 -19.42
C ILE B 305 33.91 -12.88 -18.28
N GLN B 308 35.94 -14.87 -16.08
CA GLN B 308 35.45 -15.66 -14.96
C GLN B 308 35.11 -17.11 -15.33
N ARG B 309 34.46 -17.31 -16.50
CA ARG B 309 34.03 -18.60 -17.09
C ARG B 309 33.44 -19.65 -16.12
N LEU B 310 32.11 -19.58 -15.93
CA LEU B 310 31.31 -20.46 -15.06
C LEU B 310 30.64 -21.61 -15.89
N PRO B 311 29.67 -22.42 -15.36
CA PRO B 311 29.11 -23.52 -16.17
C PRO B 311 28.48 -23.14 -17.52
N GLU B 312 28.36 -24.14 -18.42
CA GLU B 312 27.82 -24.06 -19.79
C GLU B 312 26.47 -23.36 -19.94
N ASP B 313 25.54 -23.56 -18.98
CA ASP B 313 24.21 -22.94 -18.98
C ASP B 313 24.28 -21.41 -18.91
N GLN B 314 25.16 -20.87 -18.05
CA GLN B 314 25.38 -19.44 -17.88
C GLN B 314 26.19 -18.89 -19.06
N ARG B 315 27.18 -19.66 -19.54
CA ARG B 315 28.06 -19.34 -20.68
C ARG B 315 27.25 -19.14 -21.97
N LYS B 316 26.26 -20.02 -22.25
CA LYS B 316 25.40 -19.96 -23.43
C LYS B 316 24.53 -18.70 -23.43
N LYS B 317 24.11 -18.25 -22.23
CA LYS B 317 23.29 -17.05 -22.04
C LYS B 317 24.09 -15.77 -22.26
N VAL B 318 25.41 -15.78 -21.95
CA VAL B 318 26.32 -14.64 -22.13
C VAL B 318 26.50 -14.37 -23.64
N HIS B 319 26.69 -15.44 -24.45
CA HIS B 319 26.82 -15.38 -25.90
C HIS B 319 25.53 -14.80 -26.52
N GLN B 320 24.37 -15.17 -25.94
CA GLN B 320 23.05 -14.70 -26.36
C GLN B 320 22.91 -13.21 -26.04
N LEU B 321 23.45 -12.75 -24.89
CA LEU B 321 23.46 -11.34 -24.47
C LEU B 321 24.37 -10.56 -25.43
N LYS B 322 25.54 -11.14 -25.77
CA LYS B 322 26.53 -10.58 -26.70
C LYS B 322 25.90 -10.33 -28.09
N ASP B 323 25.09 -11.29 -28.58
CA ASP B 323 24.37 -11.22 -29.86
C ASP B 323 23.33 -10.10 -29.82
N LEU B 324 22.61 -9.98 -28.69
CA LEU B 324 21.59 -8.95 -28.46
C LEU B 324 22.24 -7.57 -28.39
N LEU B 325 23.37 -7.44 -27.66
CA LEU B 325 24.14 -6.19 -27.52
C LEU B 325 24.70 -5.71 -28.85
N ASP B 326 25.13 -6.65 -29.72
CA ASP B 326 25.65 -6.36 -31.06
C ASP B 326 24.58 -5.72 -31.95
N GLN B 327 23.32 -6.18 -31.80
CA GLN B 327 22.17 -5.65 -32.53
C GLN B 327 21.72 -4.30 -31.97
N ILE B 328 21.83 -4.10 -30.64
CA ILE B 328 21.46 -2.85 -29.97
C ILE B 328 22.52 -1.76 -30.27
N LEU B 329 23.81 -2.13 -30.19
CA LEU B 329 24.92 -1.19 -30.38
C LEU B 329 25.29 -0.85 -31.84
N MET B 330 24.32 -0.91 -32.77
CA MET B 330 24.54 -0.54 -34.17
C MET B 330 24.64 0.99 -34.25
N LEU B 331 25.67 1.51 -34.93
CA LEU B 331 25.92 2.96 -35.04
C LEU B 331 24.77 3.71 -35.71
N ASP B 332 24.25 3.18 -36.83
CA ASP B 332 23.12 3.77 -37.57
C ASP B 332 21.79 3.34 -36.91
N PRO B 333 20.94 4.30 -36.47
CA PRO B 333 19.66 3.90 -35.82
C PRO B 333 18.67 3.14 -36.72
N ALA B 334 18.83 3.23 -38.06
CA ALA B 334 17.99 2.53 -39.03
C ALA B 334 18.29 1.02 -39.02
N LYS B 335 19.54 0.65 -38.71
CA LYS B 335 20.01 -0.74 -38.63
C LYS B 335 19.87 -1.32 -37.21
N ARG B 336 19.40 -0.51 -36.26
CA ARG B 336 19.21 -0.88 -34.86
C ARG B 336 18.03 -1.82 -34.68
N ILE B 337 18.18 -2.82 -33.78
CA ILE B 337 17.15 -3.80 -33.45
C ILE B 337 15.86 -3.11 -32.92
N SER B 338 14.69 -3.62 -33.34
CA SER B 338 13.40 -3.10 -32.92
C SER B 338 13.06 -3.64 -31.53
N ILE B 339 12.06 -3.05 -30.86
CA ILE B 339 11.59 -3.45 -29.53
C ILE B 339 11.02 -4.89 -29.57
N ASN B 340 10.21 -5.21 -30.60
CA ASN B 340 9.60 -6.53 -30.78
C ASN B 340 10.65 -7.64 -30.95
N GLN B 341 11.67 -7.40 -31.80
CA GLN B 341 12.77 -8.34 -32.04
C GLN B 341 13.67 -8.54 -30.82
N ALA B 342 13.80 -7.49 -29.98
CA ALA B 342 14.59 -7.53 -28.74
C ALA B 342 13.88 -8.39 -27.69
N LEU B 343 12.52 -8.30 -27.63
CA LEU B 343 11.70 -9.08 -26.70
C LEU B 343 11.61 -10.55 -27.12
N GLN B 344 11.70 -10.82 -28.44
CA GLN B 344 11.64 -12.16 -29.02
C GLN B 344 13.02 -12.84 -29.13
N HIS B 345 14.10 -12.11 -28.77
CA HIS B 345 15.48 -12.59 -28.81
C HIS B 345 15.70 -13.84 -27.95
N ALA B 346 16.60 -14.74 -28.41
CA ALA B 346 16.97 -15.99 -27.75
C ALA B 346 17.45 -15.82 -26.29
N PHE B 347 18.01 -14.65 -25.97
CA PHE B 347 18.50 -14.31 -24.63
C PHE B 347 17.37 -14.28 -23.60
N ILE B 348 16.20 -13.71 -23.97
CA ILE B 348 15.02 -13.61 -23.10
C ILE B 348 14.12 -14.84 -23.23
N GLN B 349 13.82 -15.27 -24.46
CA GLN B 349 12.95 -16.41 -24.79
C GLN B 349 13.51 -17.80 -24.42
N GLU B 350 14.80 -17.87 -24.02
CA GLU B 350 15.56 -19.08 -23.62
C GLU B 350 15.50 -20.28 -24.59
PB ADP C . -21.74 -6.82 7.04
O1B ADP C . -22.68 -6.83 5.77
O2B ADP C . -22.12 -5.74 7.98
O3B ADP C . -21.89 -8.27 7.69
PA ADP C . -18.98 -6.61 7.56
O1A ADP C . -19.43 -7.30 8.95
O2A ADP C . -18.52 -5.22 7.75
O3A ADP C . -20.22 -6.73 6.52
O5' ADP C . -17.82 -7.56 6.96
C5' ADP C . -17.88 -8.98 7.13
C4' ADP C . -16.48 -9.61 7.03
O4' ADP C . -15.77 -9.09 5.86
C3' ADP C . -15.58 -9.28 8.22
O3' ADP C . -15.83 -10.16 9.32
C2' ADP C . -14.20 -9.54 7.62
O2' ADP C . -13.96 -10.95 7.56
C1' ADP C . -14.35 -8.98 6.21
N9 ADP C . -13.86 -7.58 6.23
C8 ADP C . -14.55 -6.49 6.59
N7 ADP C . -13.76 -5.41 6.49
C5 ADP C . -12.56 -5.82 6.10
C6 ADP C . -11.36 -5.18 5.82
N6 ADP C . -11.23 -3.86 5.96
N1 ADP C . -10.29 -5.91 5.41
C2 ADP C . -10.39 -7.22 5.26
N3 ADP C . -11.53 -7.87 5.51
C4 ADP C . -12.62 -7.19 5.93
S SO4 D . -32.41 -11.54 19.18
O1 SO4 D . -32.56 -11.62 20.63
O2 SO4 D . -32.94 -10.28 18.70
O3 SO4 D . -30.99 -11.64 18.83
O4 SO4 D . -33.14 -12.65 18.56
PB ADP E . 15.93 14.11 -9.78
O1B ADP E . 15.44 15.54 -9.27
O2B ADP E . 15.79 13.99 -11.25
O3B ADP E . 17.45 13.98 -9.28
PA ADP E . 15.14 11.45 -9.30
O1A ADP E . 16.51 11.16 -10.12
O2A ADP E . 13.95 11.00 -10.05
O3A ADP E . 15.10 13.03 -8.94
O5' ADP E . 15.29 10.69 -7.88
C5' ADP E . 16.55 10.49 -7.25
C4' ADP E . 16.51 9.27 -6.32
O4' ADP E . 15.34 9.33 -5.47
C3' ADP E . 16.36 7.95 -7.08
O3' ADP E . 17.62 7.49 -7.57
C2' ADP E . 15.85 7.04 -5.97
O2' ADP E . 16.93 6.69 -5.08
C1' ADP E . 14.88 7.96 -5.23
N9 ADP E . 13.53 7.69 -5.79
C8 ADP E . 12.99 8.19 -6.91
N7 ADP E . 11.77 7.69 -7.08
C5 ADP E . 11.52 6.86 -6.08
C6 ADP E . 10.45 6.05 -5.71
N6 ADP E . 9.35 6.00 -6.45
N1 ADP E . 10.54 5.30 -4.59
C2 ADP E . 11.62 5.34 -3.82
N3 ADP E . 12.67 6.10 -4.15
C4 ADP E . 12.64 6.86 -5.25
S SO4 F . -6.12 8.70 -3.43
O1 SO4 F . -4.98 7.90 -2.95
O2 SO4 F . -6.63 9.50 -2.31
O3 SO4 F . -5.67 9.60 -4.49
O4 SO4 F . -7.17 7.82 -3.94
S SO4 G . 28.33 16.69 -21.22
O1 SO4 G . 27.10 16.18 -20.63
O2 SO4 G . 29.44 16.56 -20.27
O3 SO4 G . 28.65 15.92 -22.44
O4 SO4 G . 28.16 18.11 -21.57
#